data_4Z22
#
_entry.id   4Z22
#
_cell.length_a   52.450
_cell.length_b   174.690
_cell.length_c   138.970
_cell.angle_alpha   90.00
_cell.angle_beta   90.00
_cell.angle_gamma   90.00
#
_symmetry.space_group_name_H-M   'C 2 2 21'
#
loop_
_entity.id
_entity.type
_entity.pdbx_description
1 polymer Plasmepsin-2
2 non-polymer 2-amino-7-phenyl-3-{[(2R,5S)-5-phenyltetrahydrofuran-2-yl]methyl}quinazolin-4(3H)-one
3 water water
#
_entity_poly.entity_id   1
_entity_poly.type   'polypeptide(L)'
_entity_poly.pdbx_seq_one_letter_code
;SSNDNIELVDFQNIMFYGDAEVGDNQQPFTFILDTGSANLWVPSVKCTTAGCLTKHLYDSSKSRTYEKDGTKVEMNYVSG
TVSGFFSKDLVTVGNLSLPYKFIEVIDTNGFEPTYTASTFDGILGLGWKDLSIGSVDPIVVELKNQNKIENALFTFYLPV
HDKHTGFLTIGGIEERFYEGPLTYEKLNHDLYWQITLDAHVGNISLEKANCIVDSGTSAITVPTDFLNKMLQNLDVIKVP
FLPFYVTLCNNSKLPTFEFTSENGKYTLEPEYYLQHIEDVGPGLCMLNIIGLDFPVPTFILGDPFMRKYFTVFDYDNHSV
GIALAKKNL
;
_entity_poly.pdbx_strand_id   A,B
#
# COMPACT_ATOMS: atom_id res chain seq x y z
N SER A 1 38.83 -14.36 -12.04
CA SER A 1 37.68 -15.18 -11.66
C SER A 1 37.52 -16.37 -12.61
N SER A 2 37.60 -17.59 -12.07
CA SER A 2 37.46 -18.79 -12.87
C SER A 2 35.99 -19.11 -13.16
N ASN A 3 35.11 -18.23 -12.69
CA ASN A 3 33.68 -18.40 -12.90
C ASN A 3 33.08 -17.23 -13.67
N ASP A 4 31.85 -17.39 -14.11
CA ASP A 4 31.17 -16.35 -14.88
C ASP A 4 30.29 -15.46 -14.00
N ASN A 5 30.71 -14.20 -13.83
CA ASN A 5 29.98 -13.26 -13.01
C ASN A 5 29.26 -12.19 -13.82
N ILE A 6 28.05 -11.84 -13.42
CA ILE A 6 27.28 -10.74 -14.01
CA ILE A 6 27.36 -10.70 -14.02
C ILE A 6 26.88 -9.76 -12.91
N GLU A 7 27.18 -8.47 -13.09
CA GLU A 7 26.92 -7.48 -12.05
C GLU A 7 25.44 -7.18 -11.86
N LEU A 8 25.02 -7.08 -10.60
CA LEU A 8 23.64 -6.78 -10.24
C LEU A 8 23.50 -5.35 -9.71
N VAL A 9 22.49 -4.66 -10.19
CA VAL A 9 22.22 -3.28 -9.78
C VAL A 9 20.90 -3.24 -9.01
N ASP A 10 20.89 -2.48 -7.92
CA ASP A 10 19.69 -2.38 -7.08
C ASP A 10 18.75 -1.28 -7.57
N PHE A 11 17.45 -1.54 -7.45
CA PHE A 11 16.42 -0.56 -7.82
C PHE A 11 15.59 -0.17 -6.60
N GLN A 12 16.04 0.86 -5.89
CA GLN A 12 15.33 1.40 -4.72
C GLN A 12 15.05 0.35 -3.65
N ASN A 13 15.95 -0.61 -3.51
CA ASN A 13 15.87 -1.66 -2.49
C ASN A 13 14.54 -2.42 -2.52
N ILE A 14 13.97 -2.57 -3.72
CA ILE A 14 12.75 -3.34 -3.89
C ILE A 14 12.96 -4.42 -4.95
N MET A 15 13.92 -4.19 -5.86
CA MET A 15 14.24 -5.13 -6.91
C MET A 15 15.64 -4.88 -7.46
N PHE A 16 16.21 -5.87 -8.13
CA PHE A 16 17.52 -5.75 -8.75
C PHE A 16 17.49 -6.20 -10.21
N TYR A 17 18.42 -5.71 -11.01
CA TYR A 17 18.47 -6.06 -12.43
C TYR A 17 19.85 -6.58 -12.82
N GLY A 18 19.90 -7.30 -13.94
CA GLY A 18 21.16 -7.79 -14.49
C GLY A 18 21.10 -7.76 -16.01
N ASP A 19 22.24 -7.52 -16.65
CA ASP A 19 22.29 -7.39 -18.10
C ASP A 19 22.82 -8.63 -18.79
N ALA A 20 22.16 -9.02 -19.88
CA ALA A 20 22.58 -10.14 -20.71
C ALA A 20 22.35 -9.81 -22.19
N GLU A 21 22.97 -10.57 -23.07
CA GLU A 21 22.90 -10.27 -24.50
C GLU A 21 22.14 -11.35 -25.29
N VAL A 22 21.39 -10.91 -26.29
CA VAL A 22 20.66 -11.81 -27.19
C VAL A 22 21.02 -11.52 -28.65
N GLY A 23 21.31 -12.57 -29.41
CA GLY A 23 21.62 -12.42 -30.83
C GLY A 23 23.10 -12.54 -31.14
N ASP A 24 23.41 -12.72 -32.42
CA ASP A 24 24.79 -12.87 -32.87
C ASP A 24 25.60 -11.61 -32.60
N ASN A 25 24.99 -10.45 -32.82
CA ASN A 25 25.66 -9.17 -32.58
C ASN A 25 25.59 -8.76 -31.11
N GLN A 26 25.09 -9.67 -30.28
CA GLN A 26 25.03 -9.50 -28.84
C GLN A 26 24.27 -8.24 -28.44
N GLN A 27 23.01 -8.16 -28.83
CA GLN A 27 22.16 -7.05 -28.45
C GLN A 27 21.89 -7.09 -26.95
N PRO A 28 22.22 -6.00 -26.24
CA PRO A 28 22.14 -5.94 -24.77
C PRO A 28 20.73 -5.70 -24.23
N PHE A 29 20.37 -6.39 -23.16
CA PHE A 29 19.07 -6.22 -22.53
C PHE A 29 19.19 -6.21 -21.01
N THR A 30 18.34 -5.43 -20.36
CA THR A 30 18.28 -5.43 -18.89
C THR A 30 17.22 -6.42 -18.43
N PHE A 31 17.62 -7.36 -17.59
CA PHE A 31 16.73 -8.44 -17.19
C PHE A 31 16.41 -8.45 -15.69
N ILE A 32 15.19 -8.87 -15.38
CA ILE A 32 14.87 -9.31 -14.04
C ILE A 32 15.25 -10.77 -13.93
N LEU A 33 16.17 -11.07 -13.01
CA LEU A 33 16.64 -12.43 -12.83
C LEU A 33 15.76 -13.17 -11.83
N ASP A 34 14.96 -14.11 -12.32
CA ASP A 34 13.86 -14.66 -11.53
C ASP A 34 13.98 -16.17 -11.33
N THR A 35 14.18 -16.58 -10.08
CA THR A 35 14.27 -17.99 -9.74
C THR A 35 12.88 -18.60 -9.55
N GLY A 36 11.85 -17.79 -9.74
CA GLY A 36 10.47 -18.21 -9.57
C GLY A 36 9.76 -18.48 -10.88
N SER A 37 10.48 -18.30 -11.99
CA SER A 37 10.01 -18.70 -13.30
C SER A 37 11.17 -19.35 -14.06
N ALA A 38 10.91 -19.88 -15.25
CA ALA A 38 11.92 -20.66 -15.94
C ALA A 38 11.98 -20.43 -17.45
N ASN A 39 11.61 -19.24 -17.89
CA ASN A 39 11.77 -18.88 -19.29
C ASN A 39 12.49 -17.55 -19.46
N LEU A 40 13.04 -17.35 -20.65
CA LEU A 40 13.68 -16.10 -21.01
C LEU A 40 12.71 -15.30 -21.88
N TRP A 41 12.29 -14.15 -21.37
CA TRP A 41 11.36 -13.29 -22.09
C TRP A 41 12.09 -12.05 -22.59
N VAL A 42 12.04 -11.85 -23.91
CA VAL A 42 12.69 -10.70 -24.53
C VAL A 42 11.69 -9.95 -25.40
N PRO A 43 11.64 -8.61 -25.24
CA PRO A 43 10.75 -7.80 -26.08
C PRO A 43 11.28 -7.73 -27.52
N SER A 44 10.36 -7.77 -28.49
CA SER A 44 10.74 -7.81 -29.90
C SER A 44 10.60 -6.45 -30.58
N VAL A 45 11.32 -6.26 -31.68
CA VAL A 45 11.14 -5.08 -32.52
C VAL A 45 9.74 -5.12 -33.14
N LYS A 46 9.15 -6.31 -33.16
CA LYS A 46 7.81 -6.50 -33.69
C LYS A 46 6.75 -6.04 -32.70
N CYS A 47 7.21 -5.68 -31.50
CA CYS A 47 6.35 -5.05 -30.50
C CYS A 47 6.33 -3.55 -30.74
N THR A 48 5.14 -2.99 -30.97
CA THR A 48 5.04 -1.60 -31.42
C THR A 48 4.20 -0.72 -30.49
N THR A 49 3.91 -1.22 -29.29
CA THR A 49 3.21 -0.41 -28.30
C THR A 49 4.14 0.67 -27.76
N ALA A 50 3.57 1.65 -27.08
CA ALA A 50 4.31 2.80 -26.56
C ALA A 50 5.46 2.38 -25.63
N GLY A 51 5.14 1.46 -24.71
CA GLY A 51 6.11 0.96 -23.75
C GLY A 51 7.31 0.31 -24.41
N CYS A 52 7.07 -0.45 -25.47
CA CYS A 52 8.14 -1.16 -26.16
C CYS A 52 9.08 -0.23 -26.89
N LEU A 53 8.58 0.91 -27.32
CA LEU A 53 9.38 1.89 -28.05
C LEU A 53 10.50 2.44 -27.17
N THR A 54 10.27 2.42 -25.86
CA THR A 54 11.24 2.94 -24.90
C THR A 54 12.17 1.85 -24.39
N LYS A 55 11.95 0.62 -24.82
CA LYS A 55 12.76 -0.49 -24.37
C LYS A 55 13.82 -0.85 -25.39
N HIS A 56 14.75 -1.71 -24.99
CA HIS A 56 15.66 -2.34 -25.94
C HIS A 56 14.94 -3.51 -26.59
N LEU A 57 14.94 -3.54 -27.91
CA LEU A 57 14.17 -4.55 -28.64
C LEU A 57 15.06 -5.50 -29.45
N TYR A 58 14.67 -6.77 -29.50
CA TYR A 58 15.43 -7.78 -30.22
C TYR A 58 15.03 -7.88 -31.69
N ASP A 59 15.95 -7.54 -32.57
CA ASP A 59 15.69 -7.65 -34.01
C ASP A 59 16.34 -8.92 -34.55
N SER A 60 15.52 -9.92 -34.81
CA SER A 60 16.01 -11.21 -35.29
C SER A 60 16.61 -11.08 -36.68
N SER A 61 16.22 -10.03 -37.40
CA SER A 61 16.69 -9.82 -38.77
C SER A 61 18.16 -9.39 -38.82
N LYS A 62 18.69 -8.92 -37.69
CA LYS A 62 20.07 -8.45 -37.66
C LYS A 62 21.00 -9.43 -36.94
N SER A 63 20.53 -10.66 -36.75
CA SER A 63 21.33 -11.69 -36.11
C SER A 63 21.50 -12.91 -37.02
N ARG A 64 22.75 -13.25 -37.34
CA ARG A 64 23.03 -14.40 -38.20
C ARG A 64 22.60 -15.70 -37.55
N THR A 65 22.70 -15.75 -36.23
CA THR A 65 22.48 -16.98 -35.49
C THR A 65 21.01 -17.21 -35.15
N TYR A 66 20.16 -16.27 -35.56
CA TYR A 66 18.73 -16.40 -35.30
C TYR A 66 18.15 -17.59 -36.07
N GLU A 67 17.44 -18.45 -35.34
CA GLU A 67 16.76 -19.58 -35.95
C GLU A 67 15.25 -19.50 -35.66
N LYS A 68 14.46 -19.41 -36.71
CA LYS A 68 13.02 -19.30 -36.59
C LYS A 68 12.41 -20.49 -35.85
N ASP A 69 11.45 -20.20 -34.97
CA ASP A 69 10.69 -21.24 -34.28
C ASP A 69 9.21 -21.03 -34.57
N GLY A 70 8.67 -19.92 -34.07
CA GLY A 70 7.33 -19.49 -34.40
C GLY A 70 6.22 -19.98 -33.49
N THR A 71 6.54 -20.91 -32.61
CA THR A 71 5.53 -21.46 -31.69
C THR A 71 4.93 -20.38 -30.80
N LYS A 72 3.63 -20.16 -30.96
CA LYS A 72 2.91 -19.08 -30.30
C LYS A 72 2.83 -19.24 -28.78
N VAL A 73 3.15 -18.16 -28.06
CA VAL A 73 3.02 -18.11 -26.61
C VAL A 73 2.08 -16.98 -26.18
N GLU A 74 0.97 -17.34 -25.57
CA GLU A 74 0.01 -16.34 -25.10
C GLU A 74 -0.39 -16.62 -23.66
N MET A 75 0.25 -15.91 -22.74
CA MET A 75 0.01 -16.10 -21.32
C MET A 75 -1.04 -15.11 -20.84
N ASN A 76 -2.12 -15.62 -20.27
CA ASN A 76 -3.25 -14.77 -19.90
C ASN A 76 -3.40 -14.56 -18.39
N TYR A 77 -3.66 -13.31 -18.02
CA TYR A 77 -3.95 -12.95 -16.63
C TYR A 77 -5.10 -11.96 -16.58
N VAL A 78 -5.67 -11.82 -15.39
CA VAL A 78 -6.57 -10.71 -15.09
C VAL A 78 -5.91 -10.12 -13.85
N SER A 79 -5.11 -9.05 -13.98
CA SER A 79 -5.19 -8.01 -15.01
C SER A 79 -5.05 -8.31 -16.52
N GLY A 80 -3.85 -8.62 -17.01
CA GLY A 80 -3.69 -8.66 -18.45
C GLY A 80 -2.83 -9.74 -19.11
N THR A 81 -2.66 -9.61 -20.42
CA THR A 81 -2.08 -10.67 -21.24
C THR A 81 -0.71 -10.36 -21.83
N VAL A 82 0.15 -11.38 -21.85
CA VAL A 82 1.44 -11.30 -22.51
C VAL A 82 1.47 -12.24 -23.72
N SER A 83 1.58 -11.67 -24.92
CA SER A 83 1.59 -12.45 -26.15
C SER A 83 2.96 -12.47 -26.81
N GLY A 84 3.28 -13.58 -27.47
CA GLY A 84 4.53 -13.69 -28.21
C GLY A 84 4.70 -15.02 -28.89
N PHE A 85 5.92 -15.30 -29.34
CA PHE A 85 6.25 -16.56 -29.97
C PHE A 85 7.69 -16.98 -29.66
N PHE A 86 7.96 -18.28 -29.76
CA PHE A 86 9.30 -18.77 -29.47
C PHE A 86 10.30 -18.43 -30.56
N SER A 87 11.55 -18.23 -30.15
CA SER A 87 12.65 -18.00 -31.06
C SER A 87 13.89 -18.61 -30.47
N LYS A 88 14.82 -18.99 -31.34
CA LYS A 88 16.08 -19.56 -30.89
C LYS A 88 17.22 -18.69 -31.40
N ASP A 89 18.14 -18.35 -30.52
CA ASP A 89 19.29 -17.54 -30.90
C ASP A 89 20.37 -17.63 -29.83
N LEU A 90 21.53 -17.05 -30.14
CA LEU A 90 22.68 -17.06 -29.24
C LEU A 90 22.42 -16.15 -28.02
N VAL A 91 22.43 -16.75 -26.84
CA VAL A 91 22.24 -15.99 -25.60
C VAL A 91 23.55 -15.90 -24.81
N THR A 92 24.02 -14.67 -24.62
CA THR A 92 25.28 -14.44 -23.92
C THR A 92 25.06 -13.95 -22.50
N VAL A 93 25.44 -14.78 -21.54
CA VAL A 93 25.40 -14.41 -20.14
C VAL A 93 26.83 -14.28 -19.61
N GLY A 94 27.27 -13.06 -19.37
CA GLY A 94 28.66 -12.81 -19.02
C GLY A 94 29.55 -13.07 -20.21
N ASN A 95 30.54 -13.94 -20.03
CA ASN A 95 31.45 -14.27 -21.12
C ASN A 95 31.13 -15.65 -21.70
N LEU A 96 29.95 -16.18 -21.34
CA LEU A 96 29.49 -17.44 -21.88
C LEU A 96 28.39 -17.23 -22.91
N SER A 97 28.34 -18.12 -23.91
CA SER A 97 27.36 -18.01 -24.99
C SER A 97 26.82 -19.38 -25.37
N LEU A 98 25.54 -19.43 -25.72
CA LEU A 98 24.94 -20.66 -26.20
C LEU A 98 23.65 -20.40 -26.96
N PRO A 99 23.37 -21.23 -28.00
CA PRO A 99 22.06 -21.17 -28.64
C PRO A 99 20.97 -21.52 -27.64
N TYR A 100 19.94 -20.70 -27.56
CA TYR A 100 18.92 -20.90 -26.54
C TYR A 100 17.53 -20.51 -27.05
N LYS A 101 16.55 -21.34 -26.71
CA LYS A 101 15.16 -21.12 -27.08
C LYS A 101 14.50 -20.17 -26.10
N PHE A 102 14.09 -19.00 -26.58
CA PHE A 102 13.47 -17.99 -25.73
C PHE A 102 12.13 -17.53 -26.30
N ILE A 103 11.47 -16.64 -25.56
CA ILE A 103 10.17 -16.13 -26.00
C ILE A 103 10.30 -14.70 -26.48
N GLU A 104 9.96 -14.48 -27.74
CA GLU A 104 9.93 -13.14 -28.32
C GLU A 104 8.60 -12.49 -27.99
N VAL A 105 8.62 -11.41 -27.22
CA VAL A 105 7.38 -10.81 -26.75
C VAL A 105 6.84 -9.77 -27.72
N ILE A 106 5.62 -9.98 -28.18
CA ILE A 106 4.99 -9.12 -29.18
C ILE A 106 4.07 -8.12 -28.52
N ASP A 107 3.25 -8.59 -27.59
CA ASP A 107 2.26 -7.73 -26.96
C ASP A 107 2.18 -7.89 -25.44
N THR A 108 2.26 -6.75 -24.77
CA THR A 108 2.02 -6.65 -23.34
C THR A 108 0.89 -5.65 -23.18
N ASN A 109 -0.35 -6.11 -23.38
CA ASN A 109 -1.48 -5.19 -23.39
C ASN A 109 -2.06 -4.89 -22.03
N GLY A 110 -1.71 -5.70 -21.04
CA GLY A 110 -2.20 -5.50 -19.69
C GLY A 110 -1.29 -4.54 -18.95
N PHE A 111 -0.01 -4.85 -19.05
CA PHE A 111 1.03 -4.22 -18.24
C PHE A 111 1.67 -3.01 -18.89
N GLU A 112 1.01 -2.45 -19.90
CA GLU A 112 1.59 -1.36 -20.68
C GLU A 112 2.07 -0.18 -19.80
N PRO A 113 1.25 0.29 -18.83
CA PRO A 113 1.73 1.44 -18.05
C PRO A 113 2.88 1.14 -17.08
N THR A 114 2.77 0.08 -16.29
CA THR A 114 3.83 -0.28 -15.36
C THR A 114 5.14 -0.66 -16.05
N TYR A 115 5.02 -1.38 -17.17
CA TYR A 115 6.18 -1.78 -17.96
C TYR A 115 6.97 -0.57 -18.42
N THR A 116 6.26 0.39 -19.01
CA THR A 116 6.86 1.65 -19.41
C THR A 116 7.64 2.32 -18.27
N ALA A 117 6.99 2.47 -17.12
CA ALA A 117 7.62 3.11 -15.96
C ALA A 117 8.76 2.27 -15.39
N SER A 118 8.74 0.98 -15.70
CA SER A 118 9.79 0.08 -15.24
C SER A 118 11.09 0.33 -16.00
N THR A 119 12.21 -0.01 -15.38
CA THR A 119 13.51 0.23 -16.00
C THR A 119 14.18 -1.08 -16.43
N PHE A 120 13.37 -2.12 -16.62
CA PHE A 120 13.89 -3.38 -17.14
C PHE A 120 13.33 -3.68 -18.53
N ASP A 121 14.01 -4.53 -19.29
CA ASP A 121 13.59 -4.85 -20.64
C ASP A 121 12.81 -6.17 -20.70
N GLY A 122 13.39 -7.22 -20.13
CA GLY A 122 12.76 -8.53 -20.15
C GLY A 122 12.92 -9.28 -18.85
N ILE A 123 12.62 -10.58 -18.89
CA ILE A 123 12.72 -11.43 -17.71
C ILE A 123 13.48 -12.72 -18.00
N LEU A 124 14.53 -12.97 -17.21
CA LEU A 124 15.34 -14.17 -17.36
C LEU A 124 15.06 -15.14 -16.22
N GLY A 125 14.34 -16.22 -16.52
CA GLY A 125 13.99 -17.22 -15.53
C GLY A 125 15.19 -18.03 -15.07
N LEU A 126 15.14 -18.51 -13.83
CA LEU A 126 16.22 -19.32 -13.28
C LEU A 126 15.68 -20.48 -12.45
N GLY A 127 14.46 -20.89 -12.78
CA GLY A 127 13.82 -22.02 -12.11
C GLY A 127 14.20 -23.34 -12.76
N TRP A 128 13.34 -24.34 -12.59
CA TRP A 128 13.59 -25.67 -13.13
C TRP A 128 12.82 -25.91 -14.43
N LYS A 129 13.22 -26.95 -15.15
CA LYS A 129 12.65 -27.29 -16.45
C LYS A 129 11.12 -27.42 -16.41
N ASP A 130 10.61 -28.05 -15.36
CA ASP A 130 9.18 -28.31 -15.23
C ASP A 130 8.39 -27.04 -14.96
N LEU A 131 9.09 -25.96 -14.63
CA LEU A 131 8.44 -24.68 -14.37
C LEU A 131 8.33 -23.86 -15.65
N SER A 132 9.05 -24.28 -16.68
CA SER A 132 9.14 -23.54 -17.92
C SER A 132 7.99 -23.84 -18.88
N ILE A 133 7.77 -22.92 -19.82
CA ILE A 133 6.83 -23.13 -20.91
C ILE A 133 7.54 -23.79 -22.09
N GLY A 134 7.08 -24.97 -22.49
CA GLY A 134 7.63 -25.65 -23.65
C GLY A 134 8.84 -26.51 -23.39
N SER A 135 8.96 -27.00 -22.14
CA SER A 135 10.02 -27.93 -21.74
C SER A 135 11.43 -27.44 -22.09
N VAL A 136 11.83 -26.32 -21.52
CA VAL A 136 13.14 -25.75 -21.82
C VAL A 136 14.12 -25.94 -20.66
N ASP A 137 15.24 -26.62 -20.95
CA ASP A 137 16.29 -26.80 -19.96
C ASP A 137 16.86 -25.45 -19.55
N PRO A 138 17.04 -25.24 -18.24
CA PRO A 138 17.63 -24.03 -17.69
C PRO A 138 19.00 -23.73 -18.31
N ILE A 139 19.31 -22.44 -18.46
CA ILE A 139 20.56 -22.01 -19.06
C ILE A 139 21.78 -22.66 -18.41
N VAL A 140 21.79 -22.68 -17.08
CA VAL A 140 22.91 -23.24 -16.34
C VAL A 140 23.03 -24.75 -16.57
N VAL A 141 21.88 -25.42 -16.67
CA VAL A 141 21.87 -26.84 -16.97
C VAL A 141 22.41 -27.09 -18.37
N GLU A 142 21.95 -26.27 -19.31
CA GLU A 142 22.35 -26.39 -20.70
C GLU A 142 23.85 -26.12 -20.85
N LEU A 143 24.33 -25.08 -20.17
CA LEU A 143 25.73 -24.72 -20.24
C LEU A 143 26.67 -25.83 -19.78
N LYS A 144 26.32 -26.51 -18.69
CA LYS A 144 27.15 -27.58 -18.18
C LYS A 144 27.11 -28.80 -19.10
N ASN A 145 25.93 -29.07 -19.67
CA ASN A 145 25.79 -30.15 -20.64
C ASN A 145 26.73 -29.92 -21.81
N GLN A 146 26.93 -28.65 -22.16
CA GLN A 146 27.80 -28.27 -23.24
C GLN A 146 29.24 -28.10 -22.77
N ASN A 147 29.50 -28.54 -21.55
CA ASN A 147 30.84 -28.53 -20.97
C ASN A 147 31.44 -27.13 -20.91
N LYS A 148 30.59 -26.13 -20.75
CA LYS A 148 31.02 -24.74 -20.75
C LYS A 148 31.21 -24.20 -19.34
N ILE A 149 30.67 -24.91 -18.36
CA ILE A 149 30.90 -24.57 -16.96
C ILE A 149 31.27 -25.79 -16.13
N GLU A 150 31.96 -25.55 -15.02
CA GLU A 150 32.39 -26.61 -14.12
C GLU A 150 31.21 -27.33 -13.49
N ASN A 151 30.32 -26.55 -12.87
CA ASN A 151 29.18 -27.13 -12.17
C ASN A 151 27.85 -26.54 -12.62
N ALA A 152 26.81 -27.37 -12.61
CA ALA A 152 25.48 -26.89 -12.91
C ALA A 152 24.90 -26.17 -11.69
N LEU A 153 25.46 -25.01 -11.39
CA LEU A 153 24.96 -24.20 -10.30
C LEU A 153 25.16 -22.72 -10.60
N PHE A 154 24.30 -21.88 -10.01
CA PHE A 154 24.52 -20.45 -10.02
C PHE A 154 24.31 -19.91 -8.60
N THR A 155 24.94 -18.78 -8.29
CA THR A 155 24.88 -18.23 -6.95
C THR A 155 24.48 -16.76 -6.97
N PHE A 156 23.67 -16.36 -5.99
CA PHE A 156 23.20 -14.98 -5.91
C PHE A 156 23.79 -14.22 -4.72
N TYR A 157 24.54 -13.17 -5.03
CA TYR A 157 25.00 -12.23 -4.03
C TYR A 157 24.35 -10.88 -4.34
N LEU A 158 23.22 -10.61 -3.70
CA LEU A 158 22.40 -9.45 -4.02
C LEU A 158 23.04 -8.13 -3.58
N PRO A 159 22.79 -7.05 -4.33
CA PRO A 159 23.31 -5.73 -3.98
C PRO A 159 22.54 -5.14 -2.82
N VAL A 160 23.18 -4.28 -2.05
CA VAL A 160 22.48 -3.58 -0.98
C VAL A 160 22.40 -2.10 -1.34
N HIS A 161 21.22 -1.53 -1.15
CA HIS A 161 20.96 -0.14 -1.48
C HIS A 161 21.96 0.81 -0.79
N ASP A 162 22.59 1.66 -1.59
CA ASP A 162 23.53 2.69 -1.12
C ASP A 162 24.78 2.13 -0.45
N LYS A 163 24.94 0.80 -0.49
CA LYS A 163 26.09 0.17 0.13
C LYS A 163 27.04 -0.44 -0.89
N HIS A 164 26.55 -1.38 -1.69
CA HIS A 164 27.40 -2.06 -2.66
C HIS A 164 26.63 -2.70 -3.81
N THR A 165 27.37 -3.06 -4.85
CA THR A 165 26.79 -3.76 -5.99
C THR A 165 26.75 -5.26 -5.74
N GLY A 166 25.96 -5.98 -6.54
CA GLY A 166 25.81 -7.40 -6.40
C GLY A 166 26.30 -8.20 -7.60
N PHE A 167 26.28 -9.51 -7.49
CA PHE A 167 26.76 -10.38 -8.56
C PHE A 167 25.96 -11.67 -8.69
N LEU A 168 25.64 -12.03 -9.92
CA LEU A 168 25.17 -13.37 -10.23
C LEU A 168 26.35 -14.17 -10.78
N THR A 169 26.66 -15.29 -10.13
CA THR A 169 27.79 -16.10 -10.55
C THR A 169 27.30 -17.45 -11.07
N ILE A 170 27.87 -17.88 -12.18
CA ILE A 170 27.48 -19.14 -12.80
C ILE A 170 28.65 -20.11 -12.85
N GLY A 171 28.41 -21.33 -12.38
CA GLY A 171 29.36 -22.40 -12.58
C GLY A 171 30.24 -22.72 -11.39
N GLY A 172 30.27 -21.84 -10.40
CA GLY A 172 31.10 -22.06 -9.23
C GLY A 172 30.78 -21.17 -8.07
N ILE A 173 31.23 -21.59 -6.88
CA ILE A 173 31.01 -20.85 -5.64
C ILE A 173 32.28 -20.12 -5.24
N GLU A 174 32.15 -18.84 -4.91
CA GLU A 174 33.30 -18.04 -4.51
C GLU A 174 33.20 -17.63 -3.05
N GLU A 175 34.25 -17.91 -2.29
CA GLU A 175 34.28 -17.67 -0.85
C GLU A 175 34.11 -16.20 -0.50
N ARG A 176 34.49 -15.32 -1.42
CA ARG A 176 34.48 -13.89 -1.17
C ARG A 176 33.07 -13.33 -0.93
N PHE A 177 32.06 -14.06 -1.38
CA PHE A 177 30.68 -13.58 -1.32
C PHE A 177 29.99 -13.81 0.02
N TYR A 178 30.53 -14.69 0.86
CA TYR A 178 29.83 -15.03 2.10
C TYR A 178 30.76 -15.23 3.30
N GLU A 179 30.18 -15.15 4.49
CA GLU A 179 30.90 -15.43 5.73
C GLU A 179 30.10 -16.42 6.58
N GLY A 180 30.75 -16.98 7.59
CA GLY A 180 30.10 -17.99 8.41
C GLY A 180 29.95 -19.28 7.61
N PRO A 181 29.17 -20.23 8.13
CA PRO A 181 29.03 -21.55 7.52
C PRO A 181 28.11 -21.55 6.29
N LEU A 182 28.43 -22.38 5.30
CA LEU A 182 27.61 -22.57 4.11
C LEU A 182 26.86 -23.90 4.19
N THR A 183 25.55 -23.82 4.41
CA THR A 183 24.74 -25.01 4.63
C THR A 183 23.78 -25.29 3.48
N TYR A 184 23.64 -26.57 3.13
CA TYR A 184 22.77 -27.00 2.04
C TYR A 184 21.45 -27.59 2.49
N GLU A 185 20.38 -27.21 1.80
CA GLU A 185 19.06 -27.77 2.03
C GLU A 185 18.54 -28.37 0.73
N LYS A 186 18.31 -29.68 0.73
CA LYS A 186 17.88 -30.34 -0.50
C LYS A 186 16.44 -29.95 -0.83
N LEU A 187 16.15 -29.85 -2.12
CA LEU A 187 14.83 -29.46 -2.58
C LEU A 187 13.80 -30.54 -2.27
N ASN A 188 12.57 -30.13 -2.00
CA ASN A 188 11.50 -31.10 -1.79
C ASN A 188 10.75 -31.39 -3.08
N HIS A 189 11.09 -30.65 -4.14
CA HIS A 189 10.52 -30.84 -5.47
C HIS A 189 11.33 -30.11 -6.52
N ASP A 190 11.43 -30.68 -7.72
CA ASP A 190 12.20 -30.09 -8.81
C ASP A 190 11.36 -29.17 -9.68
N LEU A 191 10.77 -28.15 -9.06
CA LEU A 191 9.95 -27.18 -9.77
C LEU A 191 10.45 -25.77 -9.47
N TYR A 192 10.08 -25.28 -8.29
CA TYR A 192 10.66 -24.06 -7.74
C TYR A 192 11.88 -24.47 -6.94
N TRP A 193 12.69 -23.48 -6.56
CA TRP A 193 13.76 -23.72 -5.61
C TRP A 193 13.15 -23.74 -4.19
N GLN A 194 12.47 -24.83 -3.89
CA GLN A 194 11.69 -24.96 -2.67
C GLN A 194 12.29 -25.98 -1.71
N ILE A 195 12.48 -25.57 -0.46
CA ILE A 195 13.06 -26.43 0.56
C ILE A 195 12.13 -26.56 1.75
N THR A 196 12.42 -27.51 2.64
CA THR A 196 11.57 -27.76 3.80
C THR A 196 12.24 -27.29 5.10
N LEU A 197 11.68 -26.24 5.70
CA LEU A 197 12.25 -25.66 6.92
C LEU A 197 11.19 -25.47 8.00
N ASP A 198 11.64 -25.43 9.25
CA ASP A 198 10.74 -25.12 10.35
C ASP A 198 10.84 -23.63 10.65
N ALA A 199 9.70 -22.96 10.71
CA ALA A 199 9.66 -21.52 10.93
C ALA A 199 9.29 -21.20 12.36
N HIS A 200 9.99 -20.24 12.96
CA HIS A 200 9.74 -19.84 14.34
C HIS A 200 9.81 -18.33 14.51
N VAL A 201 8.77 -17.76 15.11
CA VAL A 201 8.78 -16.34 15.46
C VAL A 201 8.28 -16.18 16.89
N GLY A 202 9.20 -15.92 17.82
CA GLY A 202 8.87 -15.89 19.23
C GLY A 202 8.56 -17.30 19.71
N ASN A 203 7.34 -17.50 20.22
CA ASN A 203 6.91 -18.84 20.62
C ASN A 203 5.96 -19.41 19.58
N ILE A 204 5.63 -18.60 18.58
CA ILE A 204 4.83 -19.05 17.45
C ILE A 204 5.65 -19.96 16.56
N SER A 205 5.15 -21.16 16.31
CA SER A 205 5.90 -22.18 15.60
C SER A 205 5.13 -22.80 14.44
N LEU A 206 5.86 -23.11 13.37
CA LEU A 206 5.32 -23.86 12.25
C LEU A 206 6.43 -24.76 11.73
N GLU A 207 6.16 -26.06 11.62
CA GLU A 207 7.20 -27.02 11.31
C GLU A 207 7.05 -27.65 9.93
N LYS A 208 8.18 -27.92 9.30
CA LYS A 208 8.23 -28.55 7.99
C LYS A 208 7.41 -27.79 6.97
N ALA A 209 7.52 -26.46 7.02
CA ALA A 209 6.85 -25.59 6.06
C ALA A 209 7.64 -25.50 4.76
N ASN A 210 6.94 -25.53 3.64
CA ASN A 210 7.56 -25.39 2.32
C ASN A 210 8.05 -23.97 2.09
N CYS A 211 9.36 -23.80 1.95
CA CYS A 211 9.94 -22.47 1.77
C CYS A 211 10.51 -22.31 0.36
N ILE A 212 9.94 -21.38 -0.39
CA ILE A 212 10.37 -21.12 -1.75
C ILE A 212 11.36 -19.96 -1.78
N VAL A 213 12.53 -20.20 -2.34
CA VAL A 213 13.53 -19.14 -2.51
C VAL A 213 13.32 -18.49 -3.87
N ASP A 214 12.95 -17.22 -3.86
CA ASP A 214 12.50 -16.56 -5.08
C ASP A 214 12.98 -15.12 -5.15
N SER A 215 13.88 -14.85 -6.10
CA SER A 215 14.41 -13.50 -6.29
C SER A 215 13.43 -12.56 -6.99
N GLY A 216 12.32 -13.12 -7.45
CA GLY A 216 11.32 -12.32 -8.15
C GLY A 216 10.28 -11.72 -7.22
N THR A 217 10.44 -11.96 -5.93
CA THR A 217 9.48 -11.44 -4.95
C THR A 217 10.13 -10.39 -4.04
N SER A 218 9.54 -9.19 -4.02
CA SER A 218 10.11 -8.06 -3.30
C SER A 218 9.91 -8.15 -1.80
N ALA A 219 8.97 -8.98 -1.38
CA ALA A 219 8.62 -9.09 0.04
C ALA A 219 8.89 -10.47 0.62
N ILE A 220 8.52 -10.64 1.87
CA ILE A 220 8.53 -11.94 2.52
C ILE A 220 7.10 -12.41 2.69
N THR A 221 6.78 -13.60 2.19
CA THR A 221 5.42 -14.12 2.29
C THR A 221 5.30 -15.09 3.46
N VAL A 222 4.24 -14.89 4.25
CA VAL A 222 4.00 -15.67 5.45
C VAL A 222 2.55 -16.11 5.46
N PRO A 223 2.28 -17.35 5.90
CA PRO A 223 0.90 -17.80 6.11
C PRO A 223 0.11 -16.82 6.98
N THR A 224 -1.12 -16.50 6.57
CA THR A 224 -1.95 -15.51 7.25
C THR A 224 -2.16 -15.86 8.72
N ASP A 225 -2.38 -17.14 8.99
CA ASP A 225 -2.52 -17.61 10.36
C ASP A 225 -1.25 -17.33 11.16
N PHE A 226 -0.11 -17.56 10.52
CA PHE A 226 1.19 -17.33 11.15
C PHE A 226 1.47 -15.85 11.40
N LEU A 227 1.00 -15.00 10.48
CA LEU A 227 1.26 -13.57 10.56
C LEU A 227 0.48 -12.88 11.68
N ASN A 228 -0.78 -13.25 11.82
CA ASN A 228 -1.63 -12.63 12.84
C ASN A 228 -1.15 -12.96 14.25
N LYS A 229 -0.68 -14.18 14.44
CA LYS A 229 -0.24 -14.63 15.76
C LYS A 229 1.09 -14.02 16.16
N MET A 230 1.94 -13.72 15.17
CA MET A 230 3.26 -13.18 15.47
C MET A 230 3.21 -11.68 15.73
N LEU A 231 2.19 -11.01 15.19
CA LEU A 231 2.03 -9.57 15.38
C LEU A 231 1.10 -9.26 16.55
N GLN A 232 1.08 -10.14 17.55
CA GLN A 232 0.27 -9.91 18.74
C GLN A 232 1.03 -9.09 19.76
N ASN A 233 0.39 -8.00 20.19
CA ASN A 233 0.96 -6.97 21.04
C ASN A 233 2.45 -6.68 20.82
N LEU A 234 2.76 -6.08 19.68
CA LEU A 234 4.12 -5.68 19.38
C LEU A 234 4.13 -4.23 18.91
N ASP A 235 3.07 -3.51 19.27
CA ASP A 235 2.90 -2.11 18.87
C ASP A 235 2.95 -2.02 17.35
N VAL A 236 2.24 -2.92 16.69
CA VAL A 236 2.13 -2.95 15.23
C VAL A 236 0.67 -2.85 14.82
N ILE A 237 0.37 -1.92 13.92
CA ILE A 237 -1.02 -1.67 13.55
C ILE A 237 -1.34 -1.93 12.07
N LYS A 238 -2.50 -2.52 11.83
CA LYS A 238 -3.02 -2.74 10.48
C LYS A 238 -3.67 -1.47 9.93
N VAL A 239 -3.45 -1.22 8.64
CA VAL A 239 -4.04 -0.05 7.98
C VAL A 239 -5.52 -0.32 7.67
N PRO A 240 -6.38 0.70 7.83
CA PRO A 240 -7.78 0.54 7.42
C PRO A 240 -8.04 1.02 5.99
N PHE A 241 -8.69 0.19 5.16
CA PHE A 241 -9.10 -1.17 5.53
C PHE A 241 -8.30 -2.20 4.72
N LEU A 242 -6.98 -2.04 4.67
CA LEU A 242 -6.15 -2.85 3.79
C LEU A 242 -5.16 -3.70 4.62
N PRO A 243 -4.51 -4.69 3.98
CA PRO A 243 -3.55 -5.48 4.77
C PRO A 243 -2.14 -4.89 4.76
N PHE A 244 -2.03 -3.61 5.09
CA PHE A 244 -0.74 -2.98 5.29
C PHE A 244 -0.44 -2.96 6.79
N TYR A 245 0.78 -3.34 7.16
CA TYR A 245 1.19 -3.27 8.56
C TYR A 245 2.26 -2.21 8.81
N VAL A 246 1.97 -1.32 9.75
CA VAL A 246 2.82 -0.17 10.00
C VAL A 246 3.33 -0.22 11.44
N THR A 247 4.55 0.25 11.65
CA THR A 247 5.16 0.27 12.98
C THR A 247 6.22 1.36 13.06
N LEU A 248 6.62 1.71 14.27
CA LEU A 248 7.76 2.59 14.44
C LEU A 248 9.02 1.84 14.06
N CYS A 249 9.99 2.53 13.46
CA CYS A 249 11.24 1.90 13.05
C CYS A 249 12.03 1.40 14.26
N ASN A 250 11.87 2.10 15.39
CA ASN A 250 12.60 1.78 16.60
C ASN A 250 11.84 0.82 17.51
N ASN A 251 10.78 0.20 16.98
CA ASN A 251 9.98 -0.74 17.76
C ASN A 251 10.81 -1.90 18.28
N SER A 252 11.05 -1.92 19.59
CA SER A 252 11.88 -2.93 20.21
C SER A 252 11.15 -4.25 20.41
N LYS A 253 9.85 -4.26 20.14
CA LYS A 253 9.06 -5.49 20.24
C LYS A 253 9.07 -6.28 18.93
N LEU A 254 9.76 -5.76 17.92
CA LEU A 254 9.79 -6.41 16.62
C LEU A 254 10.58 -7.71 16.63
N PRO A 255 9.95 -8.80 16.18
CA PRO A 255 10.50 -10.14 16.27
C PRO A 255 11.44 -10.50 15.12
N THR A 256 12.22 -11.56 15.33
CA THR A 256 13.11 -12.07 14.31
C THR A 256 12.58 -13.40 13.79
N PHE A 257 12.56 -13.57 12.48
CA PHE A 257 12.19 -14.85 11.88
C PHE A 257 13.29 -15.87 12.16
N GLU A 258 12.91 -17.11 12.43
CA GLU A 258 13.90 -18.17 12.62
C GLU A 258 13.53 -19.41 11.82
N PHE A 259 14.28 -19.68 10.76
CA PHE A 259 14.07 -20.88 9.97
C PHE A 259 15.20 -21.86 10.25
N THR A 260 14.85 -23.03 10.79
CA THR A 260 15.86 -23.99 11.20
C THR A 260 15.67 -25.34 10.52
N SER A 261 16.75 -26.09 10.43
CA SER A 261 16.70 -27.45 9.91
C SER A 261 17.69 -28.30 10.68
N GLU A 262 18.03 -29.45 10.11
CA GLU A 262 19.02 -30.33 10.72
C GLU A 262 20.43 -29.85 10.45
N ASN A 263 20.57 -29.02 9.43
CA ASN A 263 21.90 -28.61 8.99
C ASN A 263 22.17 -27.13 9.23
N GLY A 264 21.13 -26.31 9.30
CA GLY A 264 21.31 -24.89 9.44
C GLY A 264 20.20 -24.13 10.14
N LYS A 265 20.53 -22.91 10.56
CA LYS A 265 19.59 -22.01 11.20
C LYS A 265 19.64 -20.65 10.52
N TYR A 266 18.49 -20.16 10.07
CA TYR A 266 18.45 -18.93 9.31
C TYR A 266 17.51 -17.92 9.97
N THR A 267 18.03 -16.73 10.25
CA THR A 267 17.27 -15.69 10.92
C THR A 267 17.13 -14.44 10.07
N LEU A 268 16.01 -13.74 10.21
CA LEU A 268 15.81 -12.50 9.48
C LEU A 268 15.32 -11.41 10.45
N GLU A 269 16.19 -10.47 10.76
CA GLU A 269 15.93 -9.42 11.73
C GLU A 269 15.04 -8.32 11.13
N PRO A 270 14.40 -7.51 11.99
CA PRO A 270 13.58 -6.37 11.57
C PRO A 270 14.25 -5.46 10.53
N GLU A 271 15.56 -5.29 10.62
CA GLU A 271 16.28 -4.43 9.69
C GLU A 271 16.23 -4.95 8.24
N TYR A 272 15.70 -6.15 8.05
CA TYR A 272 15.65 -6.75 6.72
C TYR A 272 14.25 -6.76 6.12
N TYR A 273 13.22 -6.67 6.95
CA TYR A 273 11.86 -6.66 6.42
C TYR A 273 11.14 -5.34 6.69
N LEU A 274 11.89 -4.32 7.10
CA LEU A 274 11.32 -2.99 7.32
C LEU A 274 11.65 -2.03 6.20
N GLN A 275 10.63 -1.35 5.69
CA GLN A 275 10.83 -0.32 4.67
C GLN A 275 10.42 1.03 5.22
N HIS A 276 11.36 1.97 5.21
CA HIS A 276 11.12 3.32 5.72
C HIS A 276 10.07 4.05 4.90
N ILE A 277 9.14 4.71 5.60
CA ILE A 277 8.14 5.54 4.94
C ILE A 277 8.04 6.89 5.66
N GLU A 278 9.13 7.66 5.63
CA GLU A 278 9.19 8.94 6.33
C GLU A 278 8.23 9.97 5.77
N ASP A 279 7.65 9.66 4.61
CA ASP A 279 6.67 10.54 3.99
C ASP A 279 5.42 10.70 4.86
N VAL A 280 4.85 9.58 5.27
CA VAL A 280 3.61 9.58 6.03
C VAL A 280 3.82 9.99 7.49
N GLY A 281 4.96 9.60 8.07
CA GLY A 281 5.23 9.93 9.45
C GLY A 281 6.69 9.77 9.84
N PRO A 282 7.14 10.59 10.82
CA PRO A 282 8.52 10.54 11.29
C PRO A 282 8.83 9.27 12.08
N GLY A 283 9.83 8.53 11.64
CA GLY A 283 10.24 7.30 12.31
C GLY A 283 9.32 6.14 11.99
N LEU A 284 8.55 6.29 10.92
CA LEU A 284 7.54 5.30 10.56
C LEU A 284 8.07 4.33 9.51
N CYS A 285 7.80 3.05 9.71
CA CYS A 285 8.21 2.02 8.77
C CYS A 285 7.05 1.09 8.45
N MET A 286 7.11 0.46 7.28
CA MET A 286 6.12 -0.53 6.91
C MET A 286 6.73 -1.93 6.95
N LEU A 287 5.96 -2.92 7.37
CA LEU A 287 6.43 -4.29 7.37
C LEU A 287 6.36 -4.86 5.95
N ASN A 288 7.52 -5.20 5.38
CA ASN A 288 7.58 -5.78 4.05
C ASN A 288 7.22 -7.26 4.09
N ILE A 289 6.08 -7.57 4.70
CA ILE A 289 5.64 -8.94 4.88
C ILE A 289 4.21 -9.10 4.40
N ILE A 290 3.96 -10.10 3.59
CA ILE A 290 2.63 -10.32 3.03
C ILE A 290 2.00 -11.59 3.59
N GLY A 291 0.76 -11.48 4.03
CA GLY A 291 0.01 -12.64 4.46
C GLY A 291 -0.56 -13.37 3.26
N LEU A 292 0.04 -14.50 2.90
CA LEU A 292 -0.36 -15.24 1.71
C LEU A 292 -0.54 -16.72 2.02
N ASP A 293 -1.67 -17.27 1.60
CA ASP A 293 -2.01 -18.67 1.91
C ASP A 293 -2.03 -19.58 0.69
N PHE A 294 -1.18 -20.59 0.71
CA PHE A 294 -1.15 -21.65 -0.31
C PHE A 294 -1.83 -22.89 0.25
N PRO A 295 -2.19 -23.86 -0.61
CA PRO A 295 -2.74 -25.13 -0.14
C PRO A 295 -1.88 -25.81 0.92
N VAL A 296 -0.57 -25.70 0.78
CA VAL A 296 0.35 -26.14 1.80
C VAL A 296 0.95 -24.91 2.49
N PRO A 297 1.17 -24.99 3.81
CA PRO A 297 1.75 -23.86 4.54
C PRO A 297 3.11 -23.47 3.95
N THR A 298 3.15 -22.34 3.26
CA THR A 298 4.31 -21.96 2.48
C THR A 298 4.81 -20.56 2.80
N PHE A 299 6.12 -20.45 2.98
CA PHE A 299 6.80 -19.17 3.08
C PHE A 299 7.50 -18.88 1.76
N ILE A 300 7.42 -17.63 1.31
CA ILE A 300 8.21 -17.21 0.16
C ILE A 300 9.34 -16.30 0.64
N LEU A 301 10.56 -16.78 0.49
CA LEU A 301 11.72 -16.02 0.89
C LEU A 301 12.18 -15.16 -0.29
N GLY A 302 11.62 -13.95 -0.39
CA GLY A 302 11.95 -13.06 -1.49
C GLY A 302 13.25 -12.34 -1.31
N ASP A 303 13.37 -11.16 -1.91
CA ASP A 303 14.58 -10.34 -1.81
C ASP A 303 15.06 -10.06 -0.38
N PRO A 304 14.15 -9.68 0.55
CA PRO A 304 14.65 -9.40 1.90
C PRO A 304 15.46 -10.53 2.52
N PHE A 305 15.16 -11.78 2.16
CA PHE A 305 15.93 -12.91 2.66
C PHE A 305 17.28 -12.98 1.96
N MET A 306 17.24 -12.98 0.63
CA MET A 306 18.46 -13.11 -0.19
C MET A 306 19.35 -11.88 -0.06
N ARG A 307 18.77 -10.77 0.40
CA ARG A 307 19.54 -9.57 0.65
CA ARG A 307 19.54 -9.57 0.65
C ARG A 307 20.54 -9.83 1.78
N LYS A 308 20.12 -10.64 2.74
CA LYS A 308 20.94 -10.98 3.90
C LYS A 308 21.76 -12.25 3.62
N TYR A 309 21.13 -13.22 2.99
CA TYR A 309 21.78 -14.50 2.76
C TYR A 309 22.19 -14.71 1.31
N PHE A 310 23.51 -14.84 1.12
CA PHE A 310 24.08 -15.34 -0.13
C PHE A 310 23.51 -16.73 -0.38
N THR A 311 23.10 -17.01 -1.61
CA THR A 311 22.40 -18.26 -1.90
C THR A 311 23.04 -19.05 -3.05
N VAL A 312 23.00 -20.37 -2.93
CA VAL A 312 23.55 -21.27 -3.95
C VAL A 312 22.44 -22.14 -4.53
N PHE A 313 22.38 -22.21 -5.86
CA PHE A 313 21.33 -22.99 -6.51
C PHE A 313 21.95 -24.13 -7.31
N ASP A 314 21.90 -25.34 -6.75
CA ASP A 314 22.58 -26.48 -7.35
C ASP A 314 21.62 -27.43 -8.06
N TYR A 315 21.74 -27.50 -9.38
CA TYR A 315 20.93 -28.43 -10.15
C TYR A 315 21.44 -29.85 -9.98
N ASP A 316 22.75 -30.02 -10.01
CA ASP A 316 23.37 -31.34 -9.88
C ASP A 316 22.98 -32.03 -8.58
N ASN A 317 22.99 -31.27 -7.49
CA ASN A 317 22.74 -31.84 -6.17
C ASN A 317 21.32 -31.57 -5.68
N HIS A 318 20.54 -30.89 -6.51
CA HIS A 318 19.14 -30.61 -6.22
C HIS A 318 18.97 -29.95 -4.87
N SER A 319 19.77 -28.93 -4.61
CA SER A 319 19.80 -28.30 -3.30
C SER A 319 19.96 -26.79 -3.39
N VAL A 320 19.62 -26.11 -2.29
CA VAL A 320 19.90 -24.69 -2.13
C VAL A 320 20.96 -24.50 -1.04
N GLY A 321 22.00 -23.73 -1.35
CA GLY A 321 23.02 -23.41 -0.38
C GLY A 321 22.71 -22.06 0.23
N ILE A 322 22.86 -21.94 1.55
CA ILE A 322 22.56 -20.68 2.23
C ILE A 322 23.69 -20.30 3.19
N ALA A 323 24.14 -19.04 3.10
CA ALA A 323 25.17 -18.53 4.00
C ALA A 323 25.02 -17.03 4.19
N LEU A 324 25.56 -16.53 5.29
CA LEU A 324 25.54 -15.11 5.60
C LEU A 324 26.34 -14.36 4.53
N ALA A 325 25.67 -13.45 3.82
CA ALA A 325 26.35 -12.68 2.80
C ALA A 325 27.29 -11.67 3.44
N LYS A 326 28.48 -11.51 2.87
CA LYS A 326 29.41 -10.48 3.31
C LYS A 326 28.75 -9.12 3.12
N LYS A 327 28.97 -8.22 4.07
CA LYS A 327 28.35 -6.91 4.01
C LYS A 327 29.20 -5.95 3.17
N ASN A 328 30.42 -6.38 2.86
CA ASN A 328 31.34 -5.60 2.04
C ASN A 328 32.20 -6.49 1.16
N LEU A 329 32.50 -6.03 -0.06
CA LEU A 329 33.38 -6.76 -0.95
C LEU A 329 34.76 -6.12 -1.00
N SER B 1 -22.11 40.05 12.04
CA SER B 1 -22.08 38.88 12.91
C SER B 1 -21.44 37.69 12.20
N SER B 2 -21.84 37.47 10.95
CA SER B 2 -21.33 36.38 10.11
C SER B 2 -21.45 35.02 10.80
N ASN B 3 -20.58 34.09 10.40
CA ASN B 3 -20.57 32.76 10.97
C ASN B 3 -19.25 32.43 11.64
N ASP B 4 -19.21 31.29 12.33
CA ASP B 4 -18.01 30.86 13.04
C ASP B 4 -17.17 29.94 12.16
N ASN B 5 -16.02 30.43 11.72
CA ASN B 5 -15.16 29.69 10.82
C ASN B 5 -13.91 29.15 11.50
N ILE B 6 -13.54 27.93 11.12
CA ILE B 6 -12.33 27.28 11.65
C ILE B 6 -11.43 26.87 10.50
N GLU B 7 -10.18 27.33 10.54
CA GLU B 7 -9.26 27.07 9.44
C GLU B 7 -8.84 25.61 9.38
N LEU B 8 -8.81 25.07 8.16
CA LEU B 8 -8.42 23.68 7.96
C LEU B 8 -7.04 23.60 7.33
N VAL B 9 -6.20 22.71 7.88
CA VAL B 9 -4.86 22.52 7.36
C VAL B 9 -4.74 21.12 6.77
N ASP B 10 -4.16 21.02 5.58
CA ASP B 10 -4.03 19.74 4.90
C ASP B 10 -2.74 19.02 5.31
N PHE B 11 -2.81 17.71 5.41
CA PHE B 11 -1.64 16.90 5.73
C PHE B 11 -1.31 15.97 4.57
N GLN B 12 -0.49 16.46 3.65
CA GLN B 12 -0.03 15.69 2.50
C GLN B 12 -1.18 15.10 1.66
N ASN B 13 -2.29 15.83 1.60
CA ASN B 13 -3.46 15.46 0.80
C ASN B 13 -3.98 14.05 1.09
N ILE B 14 -3.89 13.63 2.34
CA ILE B 14 -4.43 12.35 2.76
C ILE B 14 -5.40 12.57 3.92
N MET B 15 -5.21 13.67 4.64
CA MET B 15 -6.06 14.01 5.76
C MET B 15 -5.92 15.50 6.06
N PHE B 16 -6.93 16.08 6.72
CA PHE B 16 -6.87 17.49 7.10
C PHE B 16 -7.17 17.65 8.60
N TYR B 17 -6.68 18.74 9.17
CA TYR B 17 -6.83 18.98 10.60
C TYR B 17 -7.46 20.33 10.91
N GLY B 18 -7.99 20.46 12.12
CA GLY B 18 -8.54 21.71 12.60
C GLY B 18 -8.23 21.82 14.08
N ASP B 19 -8.05 23.04 14.57
CA ASP B 19 -7.68 23.25 15.96
C ASP B 19 -8.86 23.72 16.81
N ALA B 20 -9.00 23.14 18.00
CA ALA B 20 -10.04 23.54 18.94
C ALA B 20 -9.50 23.54 20.37
N GLU B 21 -10.21 24.21 21.27
CA GLU B 21 -9.75 24.34 22.65
C GLU B 21 -10.66 23.65 23.66
N VAL B 22 -10.04 23.08 24.69
CA VAL B 22 -10.78 22.44 25.78
C VAL B 22 -10.36 23.06 27.11
N GLY B 23 -11.34 23.42 27.93
CA GLY B 23 -11.07 23.97 29.24
C GLY B 23 -11.30 25.47 29.31
N ASP B 24 -11.38 25.99 30.53
CA ASP B 24 -11.57 27.41 30.76
C ASP B 24 -10.41 28.23 30.21
N ASN B 25 -9.19 27.73 30.41
CA ASN B 25 -7.99 28.41 29.93
C ASN B 25 -7.70 28.11 28.47
N GLN B 26 -8.64 27.45 27.81
CA GLN B 26 -8.58 27.17 26.37
C GLN B 26 -7.31 26.45 25.94
N GLN B 27 -7.13 25.23 26.45
CA GLN B 27 -6.00 24.39 26.08
C GLN B 27 -6.16 23.95 24.62
N PRO B 28 -5.16 24.25 23.79
CA PRO B 28 -5.26 24.00 22.34
C PRO B 28 -5.02 22.55 21.95
N PHE B 29 -5.83 22.05 21.01
CA PHE B 29 -5.68 20.69 20.50
C PHE B 29 -5.85 20.66 18.99
N THR B 30 -5.11 19.78 18.33
CA THR B 30 -5.26 19.54 16.90
C THR B 30 -6.21 18.36 16.70
N PHE B 31 -7.28 18.57 15.94
CA PHE B 31 -8.28 17.53 15.79
C PHE B 31 -8.44 17.00 14.36
N ILE B 32 -8.77 15.73 14.26
CA ILE B 32 -9.32 15.19 13.03
C ILE B 32 -10.81 15.47 13.07
N LEU B 33 -11.29 16.25 12.10
CA LEU B 33 -12.70 16.61 12.04
C LEU B 33 -13.45 15.55 11.25
N ASP B 34 -14.24 14.76 11.97
CA ASP B 34 -14.80 13.53 11.43
C ASP B 34 -16.33 13.48 11.43
N THR B 35 -16.93 13.43 10.25
CA THR B 35 -18.37 13.33 10.14
C THR B 35 -18.84 11.87 10.23
N GLY B 36 -17.89 10.97 10.44
CA GLY B 36 -18.18 9.55 10.53
C GLY B 36 -18.21 8.99 11.93
N SER B 37 -17.97 9.85 12.93
CA SER B 37 -18.15 9.48 14.33
C SER B 37 -18.84 10.63 15.07
N ALA B 38 -19.15 10.44 16.34
CA ALA B 38 -19.98 11.44 17.04
C ALA B 38 -19.57 11.70 18.49
N ASN B 39 -18.29 11.54 18.79
CA ASN B 39 -17.77 11.90 20.11
C ASN B 39 -16.54 12.79 20.00
N LEU B 40 -16.23 13.47 21.10
CA LEU B 40 -15.03 14.29 21.17
C LEU B 40 -13.96 13.56 21.96
N TRP B 41 -12.86 13.19 21.30
CA TRP B 41 -11.78 12.47 21.95
CA TRP B 41 -11.77 12.47 21.95
C TRP B 41 -10.56 13.36 22.17
N VAL B 42 -10.16 13.53 23.43
CA VAL B 42 -8.97 14.30 23.77
C VAL B 42 -8.02 13.48 24.65
N PRO B 43 -6.72 13.51 24.33
CA PRO B 43 -5.74 12.82 25.17
C PRO B 43 -5.57 13.51 26.51
N SER B 44 -5.42 12.73 27.58
CA SER B 44 -5.33 13.28 28.93
C SER B 44 -3.89 13.31 29.43
N VAL B 45 -3.64 14.16 30.41
CA VAL B 45 -2.35 14.19 31.09
C VAL B 45 -2.13 12.89 31.84
N LYS B 46 -3.23 12.17 32.10
CA LYS B 46 -3.17 10.89 32.80
C LYS B 46 -2.67 9.78 31.88
N CYS B 47 -2.54 10.09 30.59
CA CYS B 47 -1.90 9.18 29.64
C CYS B 47 -0.40 9.39 29.66
N THR B 48 0.35 8.33 29.95
CA THR B 48 1.79 8.47 30.15
C THR B 48 2.58 7.59 29.17
N THR B 49 1.90 7.08 28.15
CA THR B 49 2.56 6.32 27.10
C THR B 49 3.43 7.25 26.26
N ALA B 50 4.32 6.67 25.47
CA ALA B 50 5.29 7.44 24.68
C ALA B 50 4.64 8.46 23.75
N GLY B 51 3.61 8.02 23.02
CA GLY B 51 2.91 8.90 22.11
C GLY B 51 2.28 10.10 22.78
N CYS B 52 1.67 9.87 23.94
CA CYS B 52 0.96 10.91 24.68
C CYS B 52 1.90 11.99 25.21
N LEU B 53 3.13 11.60 25.51
CA LEU B 53 4.11 12.55 26.03
C LEU B 53 4.44 13.62 25.00
N THR B 54 4.32 13.26 23.73
CA THR B 54 4.63 14.16 22.62
C THR B 54 3.41 14.94 22.11
N LYS B 55 2.24 14.66 22.71
CA LYS B 55 1.01 15.32 22.31
C LYS B 55 0.62 16.45 23.25
N HIS B 56 -0.40 17.21 22.86
CA HIS B 56 -1.05 18.16 23.74
C HIS B 56 -2.00 17.38 24.64
N LEU B 57 -1.88 17.57 25.95
CA LEU B 57 -2.67 16.79 26.90
C LEU B 57 -3.62 17.66 27.71
N TYR B 58 -4.82 17.13 27.97
CA TYR B 58 -5.81 17.87 28.71
C TYR B 58 -5.68 17.66 30.22
N ASP B 59 -5.35 18.73 30.92
CA ASP B 59 -5.24 18.72 32.38
C ASP B 59 -6.48 19.34 33.01
N SER B 60 -7.37 18.49 33.53
CA SER B 60 -8.62 18.96 34.12
C SER B 60 -8.39 19.77 35.39
N SER B 61 -7.24 19.59 36.01
CA SER B 61 -6.94 20.28 37.27
C SER B 61 -6.67 21.77 37.08
N LYS B 62 -6.37 22.18 35.85
CA LYS B 62 -6.03 23.57 35.56
C LYS B 62 -7.17 24.31 34.86
N SER B 63 -8.35 23.71 34.87
CA SER B 63 -9.53 24.31 34.27
C SER B 63 -10.64 24.48 35.30
N ARG B 64 -11.07 25.72 35.52
CA ARG B 64 -12.10 26.02 36.50
C ARG B 64 -13.46 25.40 36.16
N THR B 65 -13.72 25.24 34.86
CA THR B 65 -15.03 24.78 34.39
C THR B 65 -15.14 23.26 34.31
N TYR B 66 -14.06 22.55 34.64
CA TYR B 66 -14.09 21.10 34.57
C TYR B 66 -15.04 20.46 35.59
N GLU B 67 -15.91 19.57 35.09
CA GLU B 67 -16.81 18.82 35.94
C GLU B 67 -16.59 17.32 35.77
N LYS B 68 -16.24 16.65 36.86
CA LYS B 68 -15.99 15.21 36.81
C LYS B 68 -17.21 14.44 36.32
N ASP B 69 -16.97 13.43 35.49
CA ASP B 69 -18.02 12.51 35.07
C ASP B 69 -17.60 11.11 35.47
N GLY B 70 -16.52 10.61 34.87
CA GLY B 70 -15.91 9.38 35.30
C GLY B 70 -16.41 8.11 34.62
N THR B 71 -17.48 8.23 33.85
CA THR B 71 -18.03 7.07 33.15
C THR B 71 -16.98 6.47 32.22
N LYS B 72 -16.57 5.25 32.51
CA LYS B 72 -15.48 4.61 31.80
C LYS B 72 -15.83 4.29 30.35
N VAL B 73 -14.93 4.65 29.44
CA VAL B 73 -15.07 4.31 28.03
C VAL B 73 -13.90 3.46 27.58
N GLU B 74 -14.18 2.22 27.20
CA GLU B 74 -13.14 1.32 26.74
C GLU B 74 -13.56 0.67 25.44
N MET B 75 -13.11 1.25 24.33
CA MET B 75 -13.46 0.78 23.00
C MET B 75 -12.36 -0.09 22.42
N ASN B 76 -12.72 -1.29 22.00
CA ASN B 76 -11.76 -2.29 21.54
C ASN B 76 -11.80 -2.50 20.03
N TYR B 77 -10.62 -2.63 19.42
CA TYR B 77 -10.51 -2.93 17.99
C TYR B 77 -9.49 -4.03 17.73
N VAL B 78 -9.56 -4.61 16.53
CA VAL B 78 -8.57 -5.59 16.06
C VAL B 78 -7.13 -5.14 16.26
N SER B 79 -6.82 -3.90 15.87
CA SER B 79 -5.49 -3.35 16.10
C SER B 79 -5.20 -3.26 17.60
N GLY B 80 -5.79 -2.26 18.24
CA GLY B 80 -5.53 -2.01 19.65
C GLY B 80 -6.77 -1.51 20.38
N THR B 81 -6.60 -1.15 21.64
CA THR B 81 -7.72 -0.74 22.48
C THR B 81 -7.60 0.74 22.86
N VAL B 82 -8.72 1.45 22.83
CA VAL B 82 -8.74 2.82 23.31
C VAL B 82 -9.60 2.91 24.56
N SER B 83 -8.96 3.21 25.68
CA SER B 83 -9.67 3.32 26.95
CA SER B 83 -9.67 3.32 26.95
C SER B 83 -9.63 4.75 27.48
N GLY B 84 -10.66 5.11 28.24
CA GLY B 84 -10.76 6.45 28.82
C GLY B 84 -12.03 6.62 29.63
N PHE B 85 -12.36 7.86 29.97
CA PHE B 85 -13.57 8.16 30.72
C PHE B 85 -14.19 9.50 30.30
N PHE B 86 -15.49 9.66 30.53
CA PHE B 86 -16.17 10.88 30.16
C PHE B 86 -15.83 12.05 31.08
N SER B 87 -15.84 13.26 30.51
CA SER B 87 -15.59 14.48 31.26
C SER B 87 -16.40 15.62 30.66
N LYS B 88 -16.71 16.62 31.48
CA LYS B 88 -17.42 17.80 31.02
C LYS B 88 -16.58 19.04 31.25
N ASP B 89 -16.44 19.86 30.22
CA ASP B 89 -15.68 21.10 30.34
C ASP B 89 -15.99 22.03 29.15
N LEU B 90 -15.48 23.25 29.21
CA LEU B 90 -15.70 24.23 28.16
C LEU B 90 -14.98 23.86 26.86
N VAL B 91 -15.75 23.64 25.80
CA VAL B 91 -15.19 23.32 24.48
C VAL B 91 -15.34 24.52 23.55
N THR B 92 -14.20 25.06 23.10
CA THR B 92 -14.22 26.23 22.25
C THR B 92 -13.90 25.88 20.80
N VAL B 93 -14.90 26.03 19.93
CA VAL B 93 -14.72 25.83 18.50
C VAL B 93 -14.80 27.18 17.81
N GLY B 94 -13.67 27.69 17.34
CA GLY B 94 -13.62 29.02 16.78
C GLY B 94 -13.80 30.08 17.85
N ASN B 95 -14.79 30.96 17.66
CA ASN B 95 -15.08 31.99 18.64
C ASN B 95 -16.34 31.67 19.46
N LEU B 96 -16.81 30.43 19.35
CA LEU B 96 -17.95 29.95 20.12
C LEU B 96 -17.48 29.02 21.24
N SER B 97 -18.18 29.03 22.36
CA SER B 97 -17.80 28.21 23.50
C SER B 97 -19.03 27.61 24.17
N LEU B 98 -18.92 26.36 24.63
CA LEU B 98 -20.03 25.74 25.35
C LEU B 98 -19.56 24.56 26.19
N PRO B 99 -20.20 24.36 27.35
CA PRO B 99 -19.98 23.15 28.14
C PRO B 99 -20.35 21.90 27.34
N TYR B 100 -19.45 20.92 27.31
CA TYR B 100 -19.66 19.75 26.47
C TYR B 100 -19.09 18.48 27.10
N LYS B 101 -19.84 17.39 26.98
CA LYS B 101 -19.43 16.09 27.48
C LYS B 101 -18.53 15.39 26.46
N PHE B 102 -17.27 15.18 26.83
CA PHE B 102 -16.31 14.57 25.93
C PHE B 102 -15.61 13.38 26.59
N ILE B 103 -14.77 12.71 25.82
CA ILE B 103 -14.06 11.53 26.33
C ILE B 103 -12.58 11.82 26.58
N GLU B 104 -12.19 11.69 27.85
CA GLU B 104 -10.79 11.83 28.23
C GLU B 104 -10.07 10.50 28.03
N VAL B 105 -9.10 10.47 27.12
CA VAL B 105 -8.46 9.23 26.74
C VAL B 105 -7.25 8.90 27.61
N ILE B 106 -7.26 7.72 28.21
CA ILE B 106 -6.21 7.31 29.15
C ILE B 106 -5.12 6.44 28.53
N ASP B 107 -5.50 5.44 27.74
CA ASP B 107 -4.51 4.53 27.17
C ASP B 107 -4.77 4.37 25.68
N THR B 108 -3.76 4.63 24.87
CA THR B 108 -3.87 4.46 23.42
C THR B 108 -2.87 3.52 22.78
N ASN B 109 -3.13 2.22 22.84
CA ASN B 109 -2.25 1.27 22.15
C ASN B 109 -2.78 1.01 20.74
N GLY B 110 -3.94 1.60 20.41
CA GLY B 110 -4.63 1.31 19.15
C GLY B 110 -4.07 1.92 17.87
N PHE B 111 -3.89 3.24 17.82
CA PHE B 111 -3.15 3.81 16.69
C PHE B 111 -1.69 4.03 17.11
N GLU B 112 -1.43 3.84 18.41
CA GLU B 112 -0.17 4.12 19.10
C GLU B 112 1.09 4.44 18.24
N PRO B 113 1.57 3.50 17.40
CA PRO B 113 2.76 3.96 16.65
C PRO B 113 2.39 5.03 15.62
N THR B 114 1.31 4.82 14.87
CA THR B 114 0.84 5.82 13.91
C THR B 114 0.47 7.12 14.61
N TYR B 115 -0.08 6.99 15.81
CA TYR B 115 -0.47 8.14 16.64
C TYR B 115 0.72 9.04 16.95
N THR B 116 1.81 8.44 17.46
CA THR B 116 3.05 9.15 17.72
C THR B 116 3.53 9.95 16.50
N ALA B 117 3.61 9.28 15.36
CA ALA B 117 4.06 9.90 14.12
C ALA B 117 3.03 10.90 13.58
N SER B 118 1.80 10.76 14.03
CA SER B 118 0.72 11.66 13.59
C SER B 118 0.86 13.04 14.19
N THR B 119 0.31 14.03 13.50
CA THR B 119 0.41 15.41 13.96
C THR B 119 -0.95 15.91 14.45
N PHE B 120 -1.83 15.00 14.82
CA PHE B 120 -3.09 15.39 15.43
C PHE B 120 -3.11 14.93 16.87
N ASP B 121 -3.94 15.59 17.68
CA ASP B 121 -4.02 15.26 19.10
C ASP B 121 -5.22 14.37 19.39
N GLY B 122 -6.39 14.77 18.91
CA GLY B 122 -7.61 14.01 19.17
C GLY B 122 -8.53 13.93 17.98
N ILE B 123 -9.77 13.50 18.23
CA ILE B 123 -10.77 13.34 17.18
C ILE B 123 -12.06 14.03 17.56
N LEU B 124 -12.54 14.91 16.67
CA LEU B 124 -13.78 15.64 16.90
C LEU B 124 -14.88 15.10 15.99
N GLY B 125 -15.82 14.36 16.57
CA GLY B 125 -16.92 13.79 15.83
C GLY B 125 -17.93 14.82 15.37
N LEU B 126 -18.58 14.54 14.24
CA LEU B 126 -19.59 15.43 13.67
C LEU B 126 -20.75 14.63 13.11
N GLY B 127 -20.94 13.43 13.64
CA GLY B 127 -22.02 12.56 13.21
C GLY B 127 -23.30 12.86 13.96
N TRP B 128 -24.19 11.88 14.03
CA TRP B 128 -25.47 12.07 14.71
C TRP B 128 -25.46 11.47 16.10
N LYS B 129 -26.43 11.86 16.92
CA LYS B 129 -26.52 11.44 18.31
C LYS B 129 -26.46 9.92 18.49
N ASP B 130 -27.16 9.19 17.62
CA ASP B 130 -27.23 7.73 17.71
C ASP B 130 -25.92 7.05 17.36
N LEU B 131 -24.98 7.81 16.80
CA LEU B 131 -23.68 7.27 16.44
C LEU B 131 -22.68 7.44 17.59
N SER B 132 -23.07 8.25 18.56
CA SER B 132 -22.19 8.57 19.69
C SER B 132 -22.27 7.53 20.80
N ILE B 133 -21.21 7.50 21.61
CA ILE B 133 -21.19 6.68 22.82
C ILE B 133 -21.76 7.48 23.98
N GLY B 134 -22.81 6.95 24.59
CA GLY B 134 -23.38 7.58 25.78
C GLY B 134 -24.40 8.67 25.49
N SER B 135 -25.05 8.59 24.33
CA SER B 135 -26.14 9.50 23.96
C SER B 135 -25.76 10.97 24.08
N VAL B 136 -24.77 11.40 23.29
CA VAL B 136 -24.31 12.78 23.35
C VAL B 136 -24.81 13.59 22.16
N ASP B 137 -25.54 14.67 22.44
CA ASP B 137 -26.00 15.56 21.39
C ASP B 137 -24.80 16.19 20.68
N PRO B 138 -24.82 16.19 19.35
CA PRO B 138 -23.76 16.80 18.53
C PRO B 138 -23.50 18.25 18.92
N ILE B 139 -22.24 18.67 18.82
CA ILE B 139 -21.83 20.02 19.18
C ILE B 139 -22.67 21.09 18.49
N VAL B 140 -22.87 20.92 17.19
CA VAL B 140 -23.62 21.88 16.38
C VAL B 140 -25.08 21.90 16.80
N VAL B 141 -25.62 20.74 17.16
CA VAL B 141 -26.98 20.63 17.68
C VAL B 141 -27.08 21.33 19.04
N GLU B 142 -26.09 21.09 19.90
CA GLU B 142 -26.06 21.66 21.23
C GLU B 142 -25.96 23.18 21.18
N LEU B 143 -25.13 23.69 20.28
CA LEU B 143 -24.94 25.14 20.13
C LEU B 143 -26.24 25.86 19.79
N LYS B 144 -27.04 25.28 18.90
CA LYS B 144 -28.31 25.88 18.51
C LYS B 144 -29.32 25.83 19.64
N ASN B 145 -29.32 24.73 20.39
CA ASN B 145 -30.17 24.58 21.56
C ASN B 145 -29.90 25.68 22.57
N GLN B 146 -28.63 26.09 22.65
CA GLN B 146 -28.22 27.16 23.56
C GLN B 146 -28.34 28.53 22.89
N ASN B 147 -29.02 28.56 21.75
CA ASN B 147 -29.27 29.77 20.98
CA ASN B 147 -29.27 29.78 20.99
C ASN B 147 -27.98 30.55 20.70
N LYS B 148 -26.91 29.83 20.40
CA LYS B 148 -25.65 30.48 20.10
C LYS B 148 -25.44 30.58 18.58
N ILE B 149 -26.20 29.79 17.83
CA ILE B 149 -26.18 29.89 16.36
C ILE B 149 -27.60 29.87 15.81
N GLU B 150 -27.77 30.44 14.63
CA GLU B 150 -29.08 30.48 13.96
C GLU B 150 -29.56 29.09 13.58
N ASN B 151 -28.71 28.34 12.88
CA ASN B 151 -29.10 27.02 12.41
C ASN B 151 -28.14 25.93 12.84
N ALA B 152 -28.69 24.75 13.10
CA ALA B 152 -27.88 23.59 13.43
C ALA B 152 -27.27 22.97 12.19
N LEU B 153 -26.30 23.66 11.61
CA LEU B 153 -25.61 23.13 10.44
C LEU B 153 -24.14 23.55 10.44
N PHE B 154 -23.31 22.71 9.83
CA PHE B 154 -21.92 23.05 9.57
C PHE B 154 -21.57 22.71 8.12
N THR B 155 -20.56 23.39 7.58
CA THR B 155 -20.17 23.24 6.19
C THR B 155 -18.68 22.94 6.04
N PHE B 156 -18.33 22.07 5.11
CA PHE B 156 -16.92 21.72 4.90
C PHE B 156 -16.37 22.20 3.56
N TYR B 157 -15.40 23.09 3.64
CA TYR B 157 -14.64 23.53 2.47
C TYR B 157 -13.18 23.10 2.65
N LEU B 158 -12.84 21.95 2.08
CA LEU B 158 -11.53 21.33 2.31
C LEU B 158 -10.38 22.08 1.66
N PRO B 159 -9.20 22.06 2.30
CA PRO B 159 -8.01 22.72 1.76
C PRO B 159 -7.37 21.94 0.60
N VAL B 160 -6.75 22.67 -0.32
CA VAL B 160 -6.05 22.08 -1.46
C VAL B 160 -4.54 22.33 -1.41
N HIS B 161 -3.76 21.26 -1.61
CA HIS B 161 -2.30 21.33 -1.59
C HIS B 161 -1.72 22.33 -2.60
N ASP B 162 -0.83 23.19 -2.10
CA ASP B 162 -0.12 24.18 -2.92
C ASP B 162 -1.04 25.23 -3.56
N LYS B 163 -2.33 25.19 -3.24
CA LYS B 163 -3.25 26.18 -3.77
C LYS B 163 -3.84 27.10 -2.71
N HIS B 164 -4.54 26.52 -1.74
CA HIS B 164 -5.20 27.32 -0.70
C HIS B 164 -5.55 26.53 0.56
N THR B 165 -5.87 27.27 1.62
CA THR B 165 -6.32 26.68 2.88
C THR B 165 -7.84 26.45 2.86
N GLY B 166 -8.34 25.66 3.82
CA GLY B 166 -9.75 25.34 3.88
C GLY B 166 -10.42 25.87 5.14
N PHE B 167 -11.74 25.71 5.23
CA PHE B 167 -12.50 26.21 6.38
C PHE B 167 -13.65 25.31 6.80
N LEU B 168 -13.78 25.10 8.10
CA LEU B 168 -15.00 24.54 8.68
C LEU B 168 -15.85 25.67 9.23
N THR B 169 -17.08 25.78 8.75
CA THR B 169 -17.98 26.84 9.17
C THR B 169 -19.17 26.25 9.92
N ILE B 170 -19.55 26.87 11.02
CA ILE B 170 -20.66 26.39 11.83
C ILE B 170 -21.78 27.43 11.96
N GLY B 171 -23.01 27.00 11.69
CA GLY B 171 -24.17 27.83 11.97
C GLY B 171 -24.80 28.54 10.78
N GLY B 172 -24.08 28.59 9.65
CA GLY B 172 -24.57 29.27 8.48
C GLY B 172 -23.81 28.91 7.20
N ILE B 173 -24.42 29.19 6.05
CA ILE B 173 -23.81 28.90 4.76
C ILE B 173 -23.26 30.18 4.11
N GLU B 174 -22.02 30.14 3.67
CA GLU B 174 -21.39 31.30 3.06
C GLU B 174 -21.14 31.09 1.57
N GLU B 175 -21.63 32.03 0.77
CA GLU B 175 -21.58 31.94 -0.69
C GLU B 175 -20.17 31.90 -1.25
N ARG B 176 -19.23 32.47 -0.50
CA ARG B 176 -17.85 32.60 -0.96
C ARG B 176 -17.14 31.26 -1.15
N PHE B 177 -17.65 30.21 -0.51
CA PHE B 177 -16.99 28.91 -0.51
C PHE B 177 -17.27 28.08 -1.75
N TYR B 178 -18.34 28.42 -2.48
CA TYR B 178 -18.74 27.57 -3.59
C TYR B 178 -19.27 28.32 -4.81
N GLU B 179 -19.29 27.62 -5.93
CA GLU B 179 -19.89 28.14 -7.15
C GLU B 179 -20.84 27.09 -7.71
N GLY B 180 -21.65 27.48 -8.68
CA GLY B 180 -22.64 26.57 -9.23
C GLY B 180 -23.78 26.34 -8.26
N PRO B 181 -24.61 25.32 -8.52
CA PRO B 181 -25.84 25.00 -7.79
C PRO B 181 -25.60 24.30 -6.46
N LEU B 182 -26.43 24.63 -5.47
CA LEU B 182 -26.40 23.93 -4.18
C LEU B 182 -27.65 23.05 -4.06
N THR B 183 -27.47 21.73 -4.21
CA THR B 183 -28.60 20.82 -4.20
C THR B 183 -28.60 19.98 -2.93
N TYR B 184 -29.78 19.79 -2.33
CA TYR B 184 -29.85 19.05 -1.08
C TYR B 184 -30.34 17.62 -1.28
N GLU B 185 -29.73 16.70 -0.54
CA GLU B 185 -30.14 15.31 -0.52
C GLU B 185 -30.47 14.89 0.91
N LYS B 186 -31.73 14.51 1.17
CA LYS B 186 -32.14 14.14 2.52
C LYS B 186 -31.58 12.78 2.92
N LEU B 187 -31.24 12.64 4.20
CA LEU B 187 -30.62 11.42 4.71
C LEU B 187 -31.59 10.23 4.67
N ASN B 188 -31.04 9.03 4.50
CA ASN B 188 -31.83 7.81 4.55
C ASN B 188 -31.82 7.22 5.96
N HIS B 189 -31.02 7.83 6.83
CA HIS B 189 -30.95 7.41 8.23
C HIS B 189 -30.27 8.48 9.07
N ASP B 190 -30.71 8.63 10.31
CA ASP B 190 -30.12 9.62 11.21
C ASP B 190 -29.00 9.00 12.03
N LEU B 191 -28.01 8.45 11.34
CA LEU B 191 -26.85 7.84 11.98
C LEU B 191 -25.58 8.45 11.39
N TYR B 192 -25.20 7.98 10.21
CA TYR B 192 -24.14 8.62 9.43
C TYR B 192 -24.77 9.70 8.54
N TRP B 193 -23.93 10.55 7.96
CA TRP B 193 -24.40 11.49 6.95
C TRP B 193 -24.53 10.73 5.64
N GLN B 194 -25.54 9.88 5.56
CA GLN B 194 -25.70 8.95 4.46
C GLN B 194 -26.90 9.29 3.60
N ILE B 195 -26.67 9.39 2.30
CA ILE B 195 -27.74 9.70 1.35
C ILE B 195 -27.82 8.61 0.30
N THR B 196 -28.92 8.59 -0.45
CA THR B 196 -29.14 7.54 -1.43
C THR B 196 -29.02 8.06 -2.86
N LEU B 197 -27.96 7.63 -3.55
CA LEU B 197 -27.72 8.07 -4.92
C LEU B 197 -27.44 6.90 -5.85
N ASP B 198 -27.68 7.10 -7.14
CA ASP B 198 -27.38 6.10 -8.16
C ASP B 198 -25.99 6.33 -8.76
N ALA B 199 -25.19 5.26 -8.81
CA ALA B 199 -23.82 5.35 -9.32
C ALA B 199 -23.68 4.77 -10.72
N HIS B 200 -22.94 5.49 -11.58
CA HIS B 200 -22.69 5.06 -12.95
C HIS B 200 -21.26 5.34 -13.39
N VAL B 201 -20.58 4.32 -13.91
CA VAL B 201 -19.25 4.48 -14.48
C VAL B 201 -19.18 3.76 -15.83
N GLY B 202 -19.21 4.54 -16.91
CA GLY B 202 -19.31 3.95 -18.24
C GLY B 202 -20.70 3.37 -18.42
N ASN B 203 -20.77 2.06 -18.64
CA ASN B 203 -22.06 1.37 -18.73
C ASN B 203 -22.35 0.57 -17.45
N ILE B 204 -21.39 0.57 -16.54
CA ILE B 204 -21.57 -0.07 -15.24
C ILE B 204 -22.54 0.74 -14.39
N SER B 205 -23.58 0.10 -13.87
CA SER B 205 -24.64 0.81 -13.17
C SER B 205 -24.99 0.20 -11.82
N LEU B 206 -25.27 1.07 -10.84
CA LEU B 206 -25.79 0.66 -9.55
C LEU B 206 -26.78 1.73 -9.04
N GLU B 207 -27.99 1.31 -8.68
CA GLU B 207 -29.05 2.24 -8.32
C GLU B 207 -29.40 2.15 -6.85
N LYS B 208 -29.76 3.30 -6.28
CA LYS B 208 -30.15 3.39 -4.87
C LYS B 208 -29.12 2.84 -3.91
N ALA B 209 -27.85 3.14 -4.19
CA ALA B 209 -26.76 2.71 -3.32
C ALA B 209 -26.63 3.65 -2.11
N ASN B 210 -26.39 3.06 -0.95
CA ASN B 210 -26.18 3.82 0.27
C ASN B 210 -24.86 4.58 0.20
N CYS B 211 -24.93 5.91 0.17
CA CYS B 211 -23.74 6.74 0.05
C CYS B 211 -23.47 7.53 1.34
N ILE B 212 -22.34 7.22 1.98
CA ILE B 212 -21.98 7.91 3.22
C ILE B 212 -21.02 9.06 2.95
N VAL B 213 -21.38 10.26 3.41
CA VAL B 213 -20.48 11.40 3.29
C VAL B 213 -19.62 11.47 4.54
N ASP B 214 -18.32 11.28 4.36
CA ASP B 214 -17.42 11.06 5.48
C ASP B 214 -16.05 11.73 5.29
N SER B 215 -15.76 12.73 6.11
CA SER B 215 -14.47 13.42 6.07
C SER B 215 -13.37 12.61 6.74
N GLY B 216 -13.75 11.48 7.34
CA GLY B 216 -12.81 10.62 8.03
C GLY B 216 -12.19 9.53 7.17
N THR B 217 -12.53 9.52 5.88
CA THR B 217 -12.00 8.52 4.98
C THR B 217 -11.11 9.16 3.90
N SER B 218 -9.86 8.71 3.82
CA SER B 218 -8.89 9.31 2.91
C SER B 218 -9.13 8.91 1.46
N ALA B 219 -9.85 7.81 1.28
CA ALA B 219 -10.10 7.27 -0.05
C ALA B 219 -11.59 7.26 -0.37
N ILE B 220 -11.92 6.73 -1.53
CA ILE B 220 -13.30 6.46 -1.89
C ILE B 220 -13.52 4.95 -1.92
N THR B 221 -14.49 4.46 -1.15
CA THR B 221 -14.76 3.03 -1.11
C THR B 221 -15.90 2.65 -2.05
N VAL B 222 -15.66 1.60 -2.82
CA VAL B 222 -16.58 1.15 -3.84
C VAL B 222 -16.77 -0.36 -3.69
N PRO B 223 -18.01 -0.85 -3.89
CA PRO B 223 -18.26 -2.29 -3.92
C PRO B 223 -17.32 -3.02 -4.86
N THR B 224 -16.78 -4.15 -4.40
CA THR B 224 -15.77 -4.90 -5.15
C THR B 224 -16.27 -5.31 -6.54
N ASP B 225 -17.54 -5.71 -6.61
CA ASP B 225 -18.16 -6.04 -7.88
C ASP B 225 -18.15 -4.84 -8.81
N PHE B 226 -18.46 -3.67 -8.25
CA PHE B 226 -18.48 -2.43 -9.01
C PHE B 226 -17.06 -2.05 -9.44
N LEU B 227 -16.10 -2.37 -8.59
CA LEU B 227 -14.71 -2.02 -8.82
C LEU B 227 -14.06 -2.85 -9.94
N ASN B 228 -14.31 -4.15 -9.93
CA ASN B 228 -13.71 -5.06 -10.90
C ASN B 228 -14.16 -4.77 -12.34
N LYS B 229 -15.44 -4.45 -12.49
CA LYS B 229 -16.01 -4.23 -13.81
C LYS B 229 -15.59 -2.90 -14.41
N MET B 230 -15.34 -1.92 -13.55
CA MET B 230 -14.97 -0.58 -14.03
C MET B 230 -13.49 -0.48 -14.37
N LEU B 231 -12.68 -1.36 -13.79
CA LEU B 231 -11.24 -1.33 -14.06
C LEU B 231 -10.87 -2.28 -15.20
N GLN B 232 -11.82 -2.45 -16.11
CA GLN B 232 -11.64 -3.25 -17.31
C GLN B 232 -12.45 -2.57 -18.41
N ASN B 233 -11.84 -2.26 -19.55
CA ASN B 233 -10.45 -2.56 -19.89
C ASN B 233 -9.68 -1.26 -20.04
N LEU B 234 -9.15 -0.73 -18.95
CA LEU B 234 -8.54 0.59 -18.96
C LEU B 234 -7.06 0.63 -18.57
N ASP B 235 -6.37 -0.47 -18.81
CA ASP B 235 -4.93 -0.59 -18.56
C ASP B 235 -4.52 -0.34 -17.11
N VAL B 236 -5.22 -0.98 -16.19
CA VAL B 236 -4.88 -0.90 -14.77
C VAL B 236 -4.63 -2.29 -14.22
N ILE B 237 -3.49 -2.48 -13.55
CA ILE B 237 -3.12 -3.79 -13.01
C ILE B 237 -3.00 -3.74 -11.49
N LYS B 238 -3.44 -4.81 -10.83
CA LYS B 238 -3.30 -4.93 -9.39
C LYS B 238 -1.90 -5.39 -9.03
N VAL B 239 -1.35 -4.81 -7.95
CA VAL B 239 0.01 -5.10 -7.49
C VAL B 239 0.14 -6.45 -6.76
N PRO B 240 1.27 -7.16 -6.97
CA PRO B 240 1.53 -8.38 -6.21
C PRO B 240 2.35 -8.12 -4.96
N PHE B 241 1.90 -8.62 -3.80
CA PHE B 241 0.64 -9.36 -3.70
C PHE B 241 -0.38 -8.55 -2.90
N LEU B 242 -0.52 -7.27 -3.25
CA LEU B 242 -1.30 -6.32 -2.46
C LEU B 242 -2.51 -5.75 -3.21
N PRO B 243 -3.42 -5.07 -2.51
CA PRO B 243 -4.55 -4.46 -3.23
C PRO B 243 -4.29 -3.03 -3.72
N PHE B 244 -3.19 -2.81 -4.42
CA PHE B 244 -2.97 -1.53 -5.11
C PHE B 244 -3.42 -1.62 -6.57
N TYR B 245 -4.16 -0.61 -7.03
CA TYR B 245 -4.49 -0.51 -8.45
C TYR B 245 -3.76 0.68 -9.03
N VAL B 246 -2.92 0.43 -10.03
CA VAL B 246 -2.01 1.45 -10.53
C VAL B 246 -2.22 1.75 -12.02
N THR B 247 -1.98 3.00 -12.40
CA THR B 247 -2.13 3.44 -13.78
C THR B 247 -1.23 4.63 -14.06
N LEU B 248 -1.03 4.95 -15.33
CA LEU B 248 -0.30 6.17 -15.71
C LEU B 248 -1.14 7.40 -15.36
N CYS B 249 -0.47 8.47 -14.96
CA CYS B 249 -1.16 9.71 -14.60
C CYS B 249 -1.88 10.30 -15.81
N ASN B 250 -1.31 10.07 -16.98
CA ASN B 250 -1.86 10.61 -18.22
C ASN B 250 -2.80 9.63 -18.91
N ASN B 251 -3.19 8.58 -18.21
CA ASN B 251 -4.09 7.58 -18.77
C ASN B 251 -5.42 8.22 -19.16
N SER B 252 -5.64 8.35 -20.47
CA SER B 252 -6.83 9.02 -20.98
C SER B 252 -8.06 8.12 -20.98
N LYS B 253 -7.87 6.85 -20.66
CA LYS B 253 -8.99 5.91 -20.60
C LYS B 253 -9.62 5.89 -19.21
N LEU B 254 -9.08 6.69 -18.30
CA LEU B 254 -9.57 6.74 -16.93
C LEU B 254 -10.95 7.40 -16.86
N PRO B 255 -11.91 6.71 -16.23
CA PRO B 255 -13.32 7.10 -16.21
C PRO B 255 -13.67 8.09 -15.11
N THR B 256 -14.83 8.74 -15.26
CA THR B 256 -15.33 9.67 -14.26
C THR B 256 -16.54 9.07 -13.55
N PHE B 257 -16.57 9.19 -12.23
CA PHE B 257 -17.72 8.76 -11.44
C PHE B 257 -18.93 9.64 -11.71
N GLU B 258 -20.11 9.04 -11.74
CA GLU B 258 -21.36 9.79 -11.92
C GLU B 258 -22.41 9.39 -10.89
N PHE B 259 -22.66 10.27 -9.94
CA PHE B 259 -23.69 10.06 -8.94
C PHE B 259 -24.88 10.98 -9.21
N THR B 260 -26.04 10.39 -9.46
CA THR B 260 -27.21 11.16 -9.85
C THR B 260 -28.38 10.99 -8.89
N SER B 261 -29.25 12.00 -8.85
CA SER B 261 -30.47 11.94 -8.06
C SER B 261 -31.62 12.68 -8.75
N GLU B 262 -32.64 13.01 -7.97
CA GLU B 262 -33.78 13.78 -8.48
C GLU B 262 -33.46 15.26 -8.57
N ASN B 263 -32.46 15.71 -7.80
CA ASN B 263 -32.15 17.14 -7.72
C ASN B 263 -30.78 17.51 -8.27
N GLY B 264 -29.85 16.55 -8.30
CA GLY B 264 -28.50 16.84 -8.74
C GLY B 264 -27.71 15.68 -9.33
N LYS B 265 -26.64 16.03 -10.02
CA LYS B 265 -25.71 15.05 -10.59
C LYS B 265 -24.29 15.43 -10.21
N TYR B 266 -23.56 14.51 -9.60
CA TYR B 266 -22.23 14.84 -9.08
C TYR B 266 -21.16 13.93 -9.69
N THR B 267 -20.16 14.56 -10.30
CA THR B 267 -19.09 13.81 -10.96
C THR B 267 -17.73 14.08 -10.35
N LEU B 268 -16.87 13.07 -10.39
CA LEU B 268 -15.51 13.20 -9.89
C LEU B 268 -14.49 12.67 -10.89
N GLU B 269 -13.71 13.58 -11.47
CA GLU B 269 -12.75 13.24 -12.51
C GLU B 269 -11.51 12.53 -11.94
N PRO B 270 -10.75 11.83 -12.80
CA PRO B 270 -9.51 11.16 -12.40
C PRO B 270 -8.56 12.04 -11.61
N GLU B 271 -8.52 13.34 -11.91
CA GLU B 271 -7.61 14.26 -11.24
C GLU B 271 -7.91 14.40 -9.74
N TYR B 272 -9.00 13.78 -9.28
CA TYR B 272 -9.39 13.89 -7.88
C TYR B 272 -9.14 12.60 -7.09
N TYR B 273 -9.07 11.47 -7.77
CA TYR B 273 -8.82 10.22 -7.07
C TYR B 273 -7.50 9.57 -7.50
N LEU B 274 -6.66 10.35 -8.17
CA LEU B 274 -5.33 9.89 -8.56
C LEU B 274 -4.26 10.45 -7.63
N GLN B 275 -3.40 9.58 -7.14
CA GLN B 275 -2.28 9.99 -6.31
C GLN B 275 -0.97 9.69 -7.00
N HIS B 276 -0.17 10.73 -7.22
CA HIS B 276 1.12 10.56 -7.87
C HIS B 276 2.04 9.68 -7.03
N ILE B 277 2.71 8.74 -7.69
CA ILE B 277 3.68 7.88 -7.03
C ILE B 277 4.96 7.85 -7.86
N GLU B 278 5.60 9.00 -7.99
CA GLU B 278 6.79 9.15 -8.82
C GLU B 278 7.99 8.39 -8.24
N ASP B 279 7.88 7.92 -7.01
CA ASP B 279 8.94 7.15 -6.38
C ASP B 279 9.23 5.85 -7.13
N VAL B 280 8.18 5.07 -7.36
CA VAL B 280 8.33 3.77 -8.00
C VAL B 280 8.56 3.91 -9.51
N GLY B 281 7.92 4.89 -10.14
CA GLY B 281 8.05 5.09 -11.57
C GLY B 281 7.59 6.46 -12.07
N PRO B 282 8.22 6.95 -13.15
CA PRO B 282 7.91 8.24 -13.77
C PRO B 282 6.55 8.28 -14.48
N GLY B 283 5.72 9.24 -14.09
CA GLY B 283 4.41 9.40 -14.69
C GLY B 283 3.40 8.40 -14.17
N LEU B 284 3.71 7.81 -13.03
CA LEU B 284 2.87 6.76 -12.44
C LEU B 284 1.96 7.31 -11.34
N CYS B 285 0.71 6.86 -11.33
CA CYS B 285 -0.24 7.27 -10.30
C CYS B 285 -0.93 6.06 -9.70
N MET B 286 -1.41 6.23 -8.47
CA MET B 286 -2.16 5.18 -7.81
C MET B 286 -3.63 5.57 -7.72
N LEU B 287 -4.50 4.57 -7.84
CA LEU B 287 -5.93 4.79 -7.72
C LEU B 287 -6.34 4.86 -6.25
N ASN B 288 -6.83 6.03 -5.83
CA ASN B 288 -7.29 6.22 -4.45
C ASN B 288 -8.70 5.67 -4.26
N ILE B 289 -8.90 4.41 -4.65
CA ILE B 289 -10.22 3.77 -4.58
C ILE B 289 -10.10 2.41 -3.89
N ILE B 290 -10.98 2.15 -2.92
CA ILE B 290 -10.94 0.90 -2.17
C ILE B 290 -12.14 0.02 -2.47
N GLY B 291 -11.87 -1.26 -2.76
CA GLY B 291 -12.92 -2.23 -2.94
C GLY B 291 -13.40 -2.74 -1.61
N LEU B 292 -14.54 -2.24 -1.15
CA LEU B 292 -15.06 -2.59 0.16
C LEU B 292 -16.54 -2.97 0.09
N ASP B 293 -16.88 -4.11 0.69
CA ASP B 293 -18.24 -4.62 0.64
C ASP B 293 -18.92 -4.59 2.01
N PHE B 294 -20.03 -3.88 2.09
CA PHE B 294 -20.84 -3.82 3.30
C PHE B 294 -22.08 -4.69 3.15
N PRO B 295 -22.77 -5.00 4.27
CA PRO B 295 -24.03 -5.75 4.21
C PRO B 295 -25.03 -5.13 3.24
N VAL B 296 -25.05 -3.80 3.20
CA VAL B 296 -25.82 -3.07 2.19
C VAL B 296 -24.84 -2.46 1.18
N PRO B 297 -25.22 -2.45 -0.11
CA PRO B 297 -24.36 -1.86 -1.15
C PRO B 297 -24.03 -0.41 -0.84
N THR B 298 -22.78 -0.15 -0.45
CA THR B 298 -22.42 1.15 0.09
C THR B 298 -21.20 1.78 -0.58
N PHE B 299 -21.33 3.05 -0.94
CA PHE B 299 -20.20 3.87 -1.37
C PHE B 299 -19.83 4.84 -0.25
N ILE B 300 -18.54 5.02 0.01
CA ILE B 300 -18.09 6.06 0.93
C ILE B 300 -17.41 7.19 0.17
N LEU B 301 -18.03 8.37 0.20
CA LEU B 301 -17.47 9.54 -0.45
C LEU B 301 -16.58 10.30 0.53
N GLY B 302 -15.32 9.90 0.59
CA GLY B 302 -14.37 10.49 1.53
C GLY B 302 -13.84 11.82 1.05
N ASP B 303 -12.61 12.13 1.46
CA ASP B 303 -11.94 13.38 1.10
C ASP B 303 -11.92 13.70 -0.40
N PRO B 304 -11.60 12.71 -1.27
CA PRO B 304 -11.58 13.04 -2.70
C PRO B 304 -12.86 13.68 -3.22
N PHE B 305 -14.01 13.32 -2.65
CA PHE B 305 -15.26 13.95 -3.06
C PHE B 305 -15.41 15.35 -2.50
N MET B 306 -15.21 15.49 -1.19
CA MET B 306 -15.39 16.75 -0.50
C MET B 306 -14.36 17.81 -0.90
N ARG B 307 -13.25 17.37 -1.49
CA ARG B 307 -12.21 18.29 -1.96
CA ARG B 307 -12.24 18.32 -1.93
C ARG B 307 -12.65 18.99 -3.24
N LYS B 308 -13.53 18.34 -3.99
CA LYS B 308 -14.08 18.97 -5.18
C LYS B 308 -15.38 19.68 -4.84
N TYR B 309 -16.21 19.02 -4.03
CA TYR B 309 -17.53 19.56 -3.71
C TYR B 309 -17.62 20.10 -2.28
N PHE B 310 -17.85 21.40 -2.19
CA PHE B 310 -18.20 22.04 -0.94
C PHE B 310 -19.47 21.37 -0.42
N THR B 311 -19.48 21.05 0.88
CA THR B 311 -20.58 20.28 1.43
C THR B 311 -21.22 20.95 2.64
N VAL B 312 -22.54 20.81 2.75
CA VAL B 312 -23.31 21.35 3.85
C VAL B 312 -23.99 20.22 4.62
N PHE B 313 -23.86 20.23 5.94
CA PHE B 313 -24.45 19.19 6.77
C PHE B 313 -25.51 19.79 7.69
N ASP B 314 -26.77 19.57 7.33
CA ASP B 314 -27.89 20.21 8.02
C ASP B 314 -28.61 19.24 8.97
N TYR B 315 -28.51 19.50 10.27
CA TYR B 315 -29.23 18.71 11.26
C TYR B 315 -30.72 19.01 11.25
N ASP B 316 -31.06 20.30 11.15
CA ASP B 316 -32.44 20.75 11.15
C ASP B 316 -33.27 20.10 10.05
N ASN B 317 -32.68 20.01 8.86
CA ASN B 317 -33.38 19.50 7.69
C ASN B 317 -33.05 18.05 7.36
N HIS B 318 -32.19 17.44 8.18
CA HIS B 318 -31.81 16.03 8.02
C HIS B 318 -31.32 15.75 6.61
N SER B 319 -30.44 16.61 6.10
CA SER B 319 -30.00 16.53 4.72
C SER B 319 -28.53 16.86 4.55
N VAL B 320 -27.97 16.49 3.41
CA VAL B 320 -26.62 16.88 3.04
C VAL B 320 -26.67 17.83 1.85
N GLY B 321 -25.99 18.98 1.98
CA GLY B 321 -25.92 19.94 0.89
C GLY B 321 -24.64 19.76 0.08
N ILE B 322 -24.76 19.82 -1.24
CA ILE B 322 -23.60 19.62 -2.11
C ILE B 322 -23.53 20.69 -3.19
N ALA B 323 -22.34 21.26 -3.35
CA ALA B 323 -22.10 22.26 -4.39
C ALA B 323 -20.65 22.23 -4.83
N LEU B 324 -20.39 22.71 -6.05
CA LEU B 324 -19.03 22.78 -6.57
C LEU B 324 -18.19 23.76 -5.75
N ALA B 325 -17.13 23.25 -5.11
CA ALA B 325 -16.25 24.09 -4.30
C ALA B 325 -15.40 25.02 -5.16
N LYS B 326 -15.28 26.26 -4.73
CA LYS B 326 -14.38 27.21 -5.38
C LYS B 326 -12.92 26.76 -5.24
N LYS B 327 -12.16 26.92 -6.31
CA LYS B 327 -10.75 26.55 -6.28
C LYS B 327 -9.91 27.71 -5.77
N ASN B 328 -10.53 28.87 -5.65
CA ASN B 328 -9.87 30.07 -5.16
C ASN B 328 -10.79 30.90 -4.27
N LEU B 329 -10.23 31.46 -3.20
CA LEU B 329 -10.99 32.33 -2.32
C LEU B 329 -10.60 33.79 -2.52
#